data_8RVW
#
_entry.id   8RVW
#
_cell.length_a   40.550
_cell.length_b   182.540
_cell.length_c   143.660
_cell.angle_alpha   90.00
_cell.angle_beta   90.00
_cell.angle_gamma   90.00
#
_symmetry.space_group_name_H-M   'C 2 2 21'
#
loop_
_entity.id
_entity.type
_entity.pdbx_description
1 polymer 'Adenosine receptor A2a,Adenosine receptor A2a,Soluble cytochrome b562'
2 non-polymer 'OLEIC ACID'
3 non-polymer 1,3-diethyl-8-[(~{E})-2-(4-methoxy-3-oxidanyl-phenyl)ethenyl]-7-methyl-purine-2,6-dione
4 non-polymer CHOLESTEROL
5 non-polymer 'SODIUM ION'
6 water water
#
_entity_poly.entity_id   1
_entity_poly.type   'polypeptide(L)'
_entity_poly.pdbx_seq_one_letter_code
;MKTIIALSYIFCLVFADYKDDDDGAPPIMGSSVYITVELAIAVLAILGNVLVCWAVWLNSNLQNVTNYFVVSLAAADILV
GVLAIPFAITISTGFCAACHGCLFIACFVLVLAQSSIFSLLAIAIDRYIAIAIPLRYNGLVTGTRAAGIIAICWVLSFAI
GLTPMLGWNNCGQPKEGKAHSQGCGEGQVACLFEDVVPMNYMVYFNFFACVLVPLLLMLGVYLRIFAAARRQLADLEDNW
ETLNDNLKVIEKADNAAQVKDALTKMRAAALDAQKATPPKLEDKSPDSPEMKDFRHGFDILVGQIDDALKLANEGKVKEA
QAAAEQLKTTRNAYIQKYLERARSTLQKEVHAAKSAAIIAGLFALCWLPLHIINCFTFFCPDCSHAPLWLMYLAIVLSHT
NSVVNPFIYAYRIREFRQTFRKIIRSHVLRQQEPFKAAAHHHHHHHHHH
;
_entity_poly.pdbx_strand_id   A
#
loop_
_chem_comp.id
_chem_comp.type
_chem_comp.name
_chem_comp.formula
A1H3H non-polymer 1,3-diethyl-8-[(~{E})-2-(4-methoxy-3-oxidanyl-phenyl)ethenyl]-7-methyl-purine-2,6-dione 'C19 H22 N4 O4'
CLR non-polymer CHOLESTEROL 'C27 H46 O'
NA non-polymer 'SODIUM ION' 'Na 1'
OLA non-polymer 'OLEIC ACID' 'C18 H34 O2'
#
# COMPACT_ATOMS: atom_id res chain seq x y z
N ALA A 25 25.85 -19.24 -31.51
CA ALA A 25 24.94 -18.14 -31.92
C ALA A 25 25.54 -16.80 -31.50
N PRO A 26 25.71 -15.81 -32.40
CA PRO A 26 26.20 -14.50 -31.97
C PRO A 26 25.45 -14.02 -30.74
N PRO A 27 26.16 -13.55 -29.71
CA PRO A 27 25.45 -13.01 -28.54
C PRO A 27 24.48 -11.93 -28.95
N ILE A 28 24.81 -11.18 -30.01
CA ILE A 28 24.09 -9.97 -30.39
C ILE A 28 22.67 -10.22 -30.84
N MET A 29 22.27 -11.47 -31.14
CA MET A 29 20.89 -11.65 -31.55
C MET A 29 19.98 -11.84 -30.35
N GLY A 30 20.42 -12.63 -29.36
CA GLY A 30 19.72 -12.66 -28.09
C GLY A 30 19.78 -11.34 -27.34
N SER A 31 20.90 -10.63 -27.42
CA SER A 31 20.98 -9.29 -26.84
C SER A 31 19.90 -8.37 -27.38
N SER A 32 19.51 -8.55 -28.65
CA SER A 32 18.64 -7.58 -29.29
C SER A 32 17.20 -7.73 -28.81
N VAL A 33 16.77 -8.96 -28.56
CA VAL A 33 15.47 -9.20 -27.93
C VAL A 33 15.45 -8.60 -26.53
N TYR A 34 16.44 -8.92 -25.71
CA TYR A 34 16.49 -8.40 -24.35
C TYR A 34 16.39 -6.87 -24.34
N ILE A 35 17.20 -6.22 -25.18
CA ILE A 35 17.29 -4.78 -25.18
C ILE A 35 15.99 -4.17 -25.68
N THR A 36 15.37 -4.80 -26.68
CA THR A 36 14.11 -4.31 -27.23
C THR A 36 13.00 -4.34 -26.17
N VAL A 37 12.89 -5.46 -25.45
CA VAL A 37 11.89 -5.58 -24.40
C VAL A 37 12.12 -4.52 -23.32
N GLU A 38 13.37 -4.37 -22.88
CA GLU A 38 13.70 -3.37 -21.87
C GLU A 38 13.26 -1.97 -22.29
N LEU A 39 13.55 -1.58 -23.54
CA LEU A 39 13.15 -0.26 -24.00
C LEU A 39 11.63 -0.11 -24.04
N ALA A 40 10.91 -1.15 -24.46
CA ALA A 40 9.46 -1.09 -24.48
C ALA A 40 8.91 -0.85 -23.07
N ILE A 41 9.45 -1.57 -22.08
CA ILE A 41 9.01 -1.39 -20.70
C ILE A 41 9.26 0.04 -20.24
N ALA A 42 10.44 0.57 -20.52
CA ALA A 42 10.78 1.94 -20.12
C ALA A 42 9.71 2.94 -20.55
N VAL A 43 9.30 2.88 -21.81
N VAL A 43 9.27 2.87 -21.81
CA VAL A 43 8.30 3.80 -22.33
CA VAL A 43 8.31 3.86 -22.29
C VAL A 43 7.03 3.73 -21.50
C VAL A 43 6.99 3.74 -21.53
N LEU A 44 6.55 2.52 -21.26
CA LEU A 44 5.31 2.34 -20.52
C LEU A 44 5.46 2.83 -19.07
N ALA A 45 6.62 2.53 -18.47
CA ALA A 45 6.90 3.04 -17.13
C ALA A 45 6.73 4.54 -17.05
N ILE A 46 7.31 5.27 -18.00
CA ILE A 46 7.32 6.73 -17.90
C ILE A 46 5.96 7.31 -18.21
N LEU A 47 5.33 6.82 -19.29
CA LEU A 47 4.02 7.32 -19.70
C LEU A 47 2.97 7.18 -18.60
N GLY A 48 2.75 5.95 -18.14
CA GLY A 48 1.67 5.72 -17.21
C GLY A 48 1.87 6.40 -15.88
N ASN A 49 3.11 6.51 -15.42
CA ASN A 49 3.37 7.13 -14.14
C ASN A 49 3.45 8.65 -14.24
N VAL A 50 3.75 9.19 -15.42
CA VAL A 50 3.60 10.62 -15.61
C VAL A 50 2.12 11.01 -15.60
N LEU A 51 1.25 10.11 -16.04
CA LEU A 51 -0.18 10.38 -16.00
C LEU A 51 -0.70 10.42 -14.57
N VAL A 52 -0.22 9.52 -13.71
CA VAL A 52 -0.59 9.55 -12.30
C VAL A 52 -0.24 10.91 -11.70
N CYS A 53 0.97 11.39 -11.97
CA CYS A 53 1.42 12.64 -11.38
C CYS A 53 0.62 13.83 -11.91
N TRP A 54 0.20 13.80 -13.17
CA TRP A 54 -0.63 14.87 -13.70
C TRP A 54 -2.02 14.88 -13.08
N ALA A 55 -2.64 13.71 -12.94
CA ALA A 55 -3.95 13.65 -12.30
C ALA A 55 -3.93 14.29 -10.92
N VAL A 56 -2.96 13.91 -10.10
CA VAL A 56 -2.93 14.37 -8.71
C VAL A 56 -2.65 15.86 -8.62
N TRP A 57 -1.76 16.39 -9.47
CA TRP A 57 -1.51 17.83 -9.45
C TRP A 57 -2.80 18.57 -9.81
N LEU A 58 -3.55 18.07 -10.79
CA LEU A 58 -4.71 18.76 -11.32
C LEU A 58 -5.94 18.63 -10.41
N ASN A 59 -6.34 17.40 -10.07
CA ASN A 59 -7.57 17.19 -9.32
C ASN A 59 -7.26 17.36 -7.84
N SER A 60 -7.87 18.37 -7.22
CA SER A 60 -7.59 18.62 -5.81
C SER A 60 -8.28 17.56 -4.93
N ASN A 61 -9.34 16.90 -5.43
CA ASN A 61 -9.93 15.78 -4.71
C ASN A 61 -8.92 14.68 -4.47
N LEU A 62 -7.86 14.62 -5.26
CA LEU A 62 -6.84 13.58 -5.16
C LEU A 62 -5.64 14.06 -4.36
N GLN A 63 -5.75 15.21 -3.73
CA GLN A 63 -4.60 15.79 -2.98
C GLN A 63 -4.80 15.43 -1.50
N ASN A 64 -4.53 14.19 -1.13
CA ASN A 64 -4.62 13.70 0.27
C ASN A 64 -3.23 13.18 0.63
N VAL A 65 -2.95 13.00 1.92
CA VAL A 65 -1.60 12.56 2.38
C VAL A 65 -1.37 11.19 1.76
N THR A 66 -2.42 10.38 1.65
CA THR A 66 -2.30 9.07 1.03
C THR A 66 -1.71 9.17 -0.38
N ASN A 67 -2.12 10.16 -1.17
CA ASN A 67 -1.67 10.27 -2.55
C ASN A 67 -0.31 10.94 -2.72
N TYR A 68 0.26 11.57 -1.69
CA TYR A 68 1.62 12.07 -1.82
C TYR A 68 2.62 10.92 -1.79
N PHE A 69 2.29 9.85 -1.08
CA PHE A 69 3.11 8.64 -1.15
C PHE A 69 2.95 7.96 -2.50
N VAL A 70 1.76 8.05 -3.11
CA VAL A 70 1.56 7.46 -4.43
C VAL A 70 2.35 8.23 -5.48
N VAL A 71 2.47 9.55 -5.33
CA VAL A 71 3.35 10.32 -6.21
C VAL A 71 4.83 10.02 -5.95
N SER A 72 5.20 9.74 -4.70
CA SER A 72 6.57 9.35 -4.42
C SER A 72 6.91 8.07 -5.18
N LEU A 73 6.04 7.07 -5.07
CA LEU A 73 6.27 5.79 -5.72
C LEU A 73 6.10 5.86 -7.23
N ALA A 74 5.31 6.81 -7.74
CA ALA A 74 5.32 7.05 -9.19
C ALA A 74 6.65 7.63 -9.64
N ALA A 75 7.26 8.50 -8.82
CA ALA A 75 8.57 9.05 -9.15
C ALA A 75 9.62 7.95 -9.26
N ALA A 76 9.66 7.03 -8.30
CA ALA A 76 10.60 5.92 -8.38
C ALA A 76 10.43 5.13 -9.67
N ASP A 77 9.18 4.82 -10.05
CA ASP A 77 8.94 4.07 -11.28
C ASP A 77 9.35 4.86 -12.53
N ILE A 78 9.12 6.17 -12.53
CA ILE A 78 9.57 6.98 -13.68
C ILE A 78 11.07 6.85 -13.84
N LEU A 79 11.82 6.97 -12.75
CA LEU A 79 13.28 6.90 -12.80
C LEU A 79 13.79 5.49 -13.09
N VAL A 80 12.96 4.45 -12.91
CA VAL A 80 13.33 3.14 -13.43
C VAL A 80 13.45 3.19 -14.95
N GLY A 81 12.49 3.83 -15.61
CA GLY A 81 12.52 3.88 -17.06
C GLY A 81 13.60 4.78 -17.60
N VAL A 82 13.82 5.94 -16.96
CA VAL A 82 14.76 6.90 -17.51
C VAL A 82 16.21 6.54 -17.18
N LEU A 83 16.46 5.88 -16.03
CA LEU A 83 17.84 5.66 -15.60
C LEU A 83 18.16 4.20 -15.32
N ALA A 84 17.35 3.56 -14.49
CA ALA A 84 17.65 2.18 -14.07
C ALA A 84 17.70 1.24 -15.27
N ILE A 85 16.74 1.34 -16.18
CA ILE A 85 16.67 0.43 -17.32
C ILE A 85 17.82 0.71 -18.29
N PRO A 86 18.09 1.96 -18.67
CA PRO A 86 19.34 2.24 -19.39
C PRO A 86 20.58 1.71 -18.70
N PHE A 87 20.66 1.79 -17.37
CA PHE A 87 21.82 1.26 -16.67
C PHE A 87 21.90 -0.25 -16.84
N ALA A 88 20.76 -0.93 -16.76
CA ALA A 88 20.77 -2.39 -16.86
C ALA A 88 21.17 -2.85 -18.26
N ILE A 89 20.76 -2.11 -19.29
CA ILE A 89 21.15 -2.48 -20.65
C ILE A 89 22.66 -2.43 -20.82
N THR A 90 23.30 -1.41 -20.26
CA THR A 90 24.73 -1.26 -20.47
C THR A 90 25.57 -2.18 -19.60
N ILE A 91 25.14 -2.44 -18.37
CA ILE A 91 25.91 -3.33 -17.50
C ILE A 91 26.01 -4.71 -18.11
N SER A 92 25.02 -5.10 -18.92
CA SER A 92 24.99 -6.44 -19.50
C SER A 92 25.95 -6.60 -20.66
N THR A 93 26.63 -5.54 -21.08
CA THR A 93 27.62 -5.66 -22.15
C THR A 93 28.98 -6.09 -21.64
N GLY A 94 29.27 -5.90 -20.36
CA GLY A 94 30.60 -6.16 -19.85
C GLY A 94 31.61 -5.08 -20.19
N PHE A 95 31.15 -3.88 -20.52
CA PHE A 95 32.04 -2.83 -20.97
C PHE A 95 33.12 -2.51 -19.92
N CYS A 96 34.30 -2.14 -20.39
CA CYS A 96 35.40 -1.82 -19.50
C CYS A 96 35.09 -0.50 -18.78
N ALA A 97 35.30 -0.48 -17.47
CA ALA A 97 35.06 0.73 -16.69
C ALA A 97 35.83 0.66 -15.39
N ALA A 98 36.05 1.84 -14.79
CA ALA A 98 36.56 1.90 -13.42
C ALA A 98 35.56 1.27 -12.47
N CYS A 99 36.07 0.42 -11.57
CA CYS A 99 35.21 -0.49 -10.83
C CYS A 99 34.16 0.25 -10.00
N HIS A 100 34.51 1.39 -9.44
CA HIS A 100 33.55 2.12 -8.61
C HIS A 100 32.46 2.77 -9.44
N GLY A 101 32.74 3.12 -10.70
CA GLY A 101 31.68 3.57 -11.57
C GLY A 101 30.76 2.44 -12.00
N CYS A 102 31.30 1.24 -12.15
CA CYS A 102 30.46 0.07 -12.37
C CYS A 102 29.50 -0.13 -11.20
N LEU A 103 29.99 0.02 -9.96
CA LEU A 103 29.15 -0.25 -8.80
C LEU A 103 27.95 0.67 -8.76
N PHE A 104 28.13 1.93 -9.17
CA PHE A 104 27.02 2.88 -9.13
C PHE A 104 25.99 2.53 -10.19
N ILE A 105 26.48 2.24 -11.39
CA ILE A 105 25.62 1.76 -12.46
C ILE A 105 24.82 0.56 -11.97
N ALA A 106 25.47 -0.31 -11.18
CA ALA A 106 24.86 -1.57 -10.78
C ALA A 106 23.91 -1.44 -9.60
N CYS A 107 24.08 -0.41 -8.76
CA CYS A 107 23.38 -0.31 -7.49
C CYS A 107 22.29 0.74 -7.46
N PHE A 108 22.27 1.67 -8.42
CA PHE A 108 21.26 2.71 -8.39
C PHE A 108 19.85 2.14 -8.32
N VAL A 109 19.62 0.97 -8.92
CA VAL A 109 18.28 0.41 -8.93
C VAL A 109 17.88 -0.06 -7.55
N LEU A 110 18.86 -0.47 -6.72
CA LEU A 110 18.54 -0.82 -5.35
C LEU A 110 18.03 0.40 -4.57
N VAL A 111 18.46 1.61 -4.94
CA VAL A 111 17.93 2.80 -4.31
C VAL A 111 16.45 2.94 -4.63
N LEU A 112 16.10 2.85 -5.91
CA LEU A 112 14.71 3.04 -6.31
C LEU A 112 13.82 1.95 -5.72
N ALA A 113 14.32 0.73 -5.62
CA ALA A 113 13.51 -0.34 -5.03
C ALA A 113 13.27 -0.11 -3.55
N GLN A 114 14.30 0.35 -2.83
CA GLN A 114 14.15 0.61 -1.40
C GLN A 114 13.13 1.72 -1.18
N SER A 115 13.19 2.76 -2.01
CA SER A 115 12.25 3.87 -1.89
C SER A 115 10.81 3.38 -2.03
N SER A 116 10.56 2.46 -2.97
CA SER A 116 9.21 1.94 -3.14
C SER A 116 8.74 1.13 -1.92
N ILE A 117 9.64 0.44 -1.23
CA ILE A 117 9.23 -0.32 -0.07
C ILE A 117 8.80 0.63 1.05
N PHE A 118 9.52 1.73 1.24
CA PHE A 118 9.11 2.69 2.25
C PHE A 118 7.78 3.33 1.89
N SER A 119 7.61 3.76 0.65
CA SER A 119 6.33 4.32 0.24
C SER A 119 5.20 3.32 0.49
N LEU A 120 5.40 2.06 0.10
CA LEU A 120 4.38 1.04 0.34
C LEU A 120 4.12 0.84 1.83
N LEU A 121 5.18 0.80 2.63
CA LEU A 121 5.00 0.67 4.07
C LEU A 121 4.19 1.84 4.63
N ALA A 122 4.47 3.06 4.16
CA ALA A 122 3.78 4.24 4.65
C ALA A 122 2.29 4.18 4.35
N ILE A 123 1.93 3.78 3.12
CA ILE A 123 0.53 3.78 2.74
C ILE A 123 -0.26 2.82 3.60
N ALA A 124 0.34 1.69 3.95
CA ALA A 124 -0.32 0.73 4.82
C ALA A 124 -0.57 1.30 6.20
N ILE A 125 0.44 1.91 6.79
CA ILE A 125 0.33 2.54 8.13
C ILE A 125 -0.71 3.65 8.05
N ASP A 126 -0.73 4.43 6.97
CA ASP A 126 -1.72 5.49 6.81
C ASP A 126 -3.14 4.94 6.75
N ARG A 127 -3.34 3.84 6.01
CA ARG A 127 -4.68 3.27 5.89
C ARG A 127 -5.11 2.62 7.20
N TYR A 128 -4.15 2.15 7.99
CA TYR A 128 -4.47 1.64 9.31
C TYR A 128 -4.88 2.73 10.27
N ILE A 129 -4.18 3.86 10.27
CA ILE A 129 -4.60 4.98 11.13
C ILE A 129 -5.98 5.44 10.73
N ALA A 130 -6.27 5.49 9.42
CA ALA A 130 -7.56 5.93 8.94
C ALA A 130 -8.71 5.12 9.52
N ILE A 131 -8.48 3.83 9.77
CA ILE A 131 -9.56 2.91 10.08
C ILE A 131 -9.59 2.75 11.60
N ALA A 132 -8.43 2.89 12.24
CA ALA A 132 -8.27 2.65 13.66
C ALA A 132 -8.60 3.87 14.53
N ILE A 133 -8.21 5.07 14.11
CA ILE A 133 -8.47 6.26 14.91
C ILE A 133 -9.09 7.34 14.05
N PRO A 134 -10.13 7.04 13.28
CA PRO A 134 -10.64 8.06 12.34
C PRO A 134 -10.84 9.44 12.97
N LEU A 135 -11.27 9.49 14.25
CA LEU A 135 -11.26 10.74 15.00
C LEU A 135 -9.99 11.59 14.81
N ARG A 136 -8.85 11.05 15.25
CA ARG A 136 -7.62 11.82 15.32
C ARG A 136 -6.84 11.91 14.02
N TYR A 137 -7.13 11.06 13.04
CA TYR A 137 -6.34 11.00 11.81
C TYR A 137 -5.92 12.37 11.30
N ASN A 138 -6.89 13.22 10.94
CA ASN A 138 -6.56 14.53 10.39
C ASN A 138 -5.61 15.30 11.31
N GLY A 139 -5.72 15.11 12.62
CA GLY A 139 -4.76 15.71 13.53
C GLY A 139 -3.37 15.12 13.38
N LEU A 140 -3.29 13.79 13.44
CA LEU A 140 -1.98 13.12 13.49
C LEU A 140 -1.24 13.19 12.16
N VAL A 141 -1.96 13.00 11.05
CA VAL A 141 -1.37 12.99 9.72
C VAL A 141 -1.67 14.32 9.03
N THR A 142 -0.62 14.97 8.52
CA THR A 142 -0.76 16.26 7.86
C THR A 142 0.23 16.32 6.71
N GLY A 143 -0.12 17.11 5.68
CA GLY A 143 0.66 17.11 4.46
C GLY A 143 2.05 17.68 4.61
N THR A 144 2.28 18.45 5.69
CA THR A 144 3.60 18.99 5.97
C THR A 144 4.49 17.92 6.58
N ARG A 145 3.94 17.12 7.50
CA ARG A 145 4.67 16.00 8.06
C ARG A 145 4.92 14.93 7.00
N ALA A 146 3.90 14.63 6.20
CA ALA A 146 4.04 13.74 5.05
C ALA A 146 5.27 14.04 4.17
N ALA A 147 5.41 15.29 3.71
CA ALA A 147 6.57 15.64 2.90
C ALA A 147 7.88 15.36 3.64
N GLY A 148 7.87 15.55 4.95
CA GLY A 148 9.05 15.22 5.73
C GLY A 148 9.36 13.75 5.69
N ILE A 149 8.36 12.91 5.91
CA ILE A 149 8.57 11.44 5.96
C ILE A 149 9.14 11.02 4.61
N ILE A 150 8.69 11.64 3.52
CA ILE A 150 9.09 11.21 2.18
C ILE A 150 10.55 11.56 1.88
N ALA A 151 10.96 12.77 2.25
CA ALA A 151 12.34 13.18 2.06
C ALA A 151 13.28 12.27 2.83
N ILE A 152 12.96 12.00 4.10
CA ILE A 152 13.80 11.15 4.92
C ILE A 152 13.93 9.78 4.28
N CYS A 153 12.83 9.28 3.70
CA CYS A 153 12.81 7.94 3.13
C CYS A 153 13.70 7.83 1.90
N TRP A 154 13.77 8.89 1.11
CA TRP A 154 14.68 8.89 -0.05
C TRP A 154 16.14 8.92 0.39
N VAL A 155 16.48 9.73 1.39
CA VAL A 155 17.86 9.76 1.87
C VAL A 155 18.27 8.37 2.34
N LEU A 156 17.46 7.77 3.21
CA LEU A 156 17.67 6.39 3.61
C LEU A 156 17.81 5.45 2.41
N SER A 157 17.00 5.67 1.36
CA SER A 157 17.01 4.76 0.23
C SER A 157 18.35 4.80 -0.50
N PHE A 158 18.92 6.00 -0.67
CA PHE A 158 20.29 6.10 -1.21
C PHE A 158 21.30 5.40 -0.31
N ALA A 159 21.14 5.55 1.01
CA ALA A 159 22.09 4.96 1.94
C ALA A 159 22.10 3.44 1.87
N ILE A 160 20.93 2.81 2.00
CA ILE A 160 20.86 1.35 1.90
C ILE A 160 21.39 0.88 0.54
N GLY A 161 20.92 1.50 -0.54
CA GLY A 161 21.17 0.97 -1.86
C GLY A 161 22.60 1.10 -2.35
N LEU A 162 23.33 2.11 -1.86
CA LEU A 162 24.71 2.32 -2.28
C LEU A 162 25.72 2.01 -1.20
N THR A 163 25.30 1.25 -0.18
CA THR A 163 26.25 0.73 0.80
C THR A 163 27.45 0.02 0.16
N PRO A 164 27.31 -0.78 -0.89
CA PRO A 164 28.49 -1.38 -1.51
C PRO A 164 29.59 -0.40 -1.88
N MET A 165 29.27 0.86 -2.19
CA MET A 165 30.31 1.81 -2.52
C MET A 165 31.16 2.24 -1.33
N LEU A 166 30.68 2.05 -0.10
CA LEU A 166 31.48 2.37 1.06
C LEU A 166 32.47 1.28 1.43
N GLY A 167 32.59 0.25 0.60
CA GLY A 167 33.68 -0.71 0.77
C GLY A 167 33.24 -2.16 0.67
N TRP A 168 31.96 -2.42 0.92
CA TRP A 168 31.41 -3.76 0.82
C TRP A 168 31.19 -4.11 -0.66
N ASN A 169 32.30 -4.33 -1.35
CA ASN A 169 32.27 -4.64 -2.78
C ASN A 169 33.45 -5.55 -3.12
N ASN A 170 33.48 -6.01 -4.37
CA ASN A 170 34.58 -6.83 -4.87
C ASN A 170 35.59 -6.06 -5.71
N CYS A 171 35.58 -4.73 -5.67
CA CYS A 171 36.54 -3.97 -6.47
C CYS A 171 37.98 -4.36 -6.12
N GLY A 172 38.20 -4.78 -4.87
CA GLY A 172 39.55 -5.09 -4.43
C GLY A 172 40.10 -6.41 -4.91
N GLN A 173 39.28 -7.25 -5.55
CA GLN A 173 39.72 -8.52 -6.10
C GLN A 173 39.18 -8.64 -7.52
N PRO A 174 39.67 -7.79 -8.42
CA PRO A 174 39.17 -7.84 -9.80
C PRO A 174 39.60 -9.09 -10.56
N LYS A 175 38.75 -9.49 -11.50
CA LYS A 175 38.99 -10.62 -12.40
C LYS A 175 39.82 -10.21 -13.62
N GLU A 176 41.14 -10.22 -13.44
CA GLU A 176 42.03 -9.59 -14.40
C GLU A 176 42.17 -10.43 -15.67
N GLY A 177 41.94 -11.74 -15.59
CA GLY A 177 41.74 -12.52 -16.81
C GLY A 177 40.65 -11.97 -17.70
N LYS A 178 39.49 -11.65 -17.12
CA LYS A 178 38.40 -11.09 -17.92
C LYS A 178 38.68 -9.65 -18.38
N ALA A 179 39.43 -8.87 -17.61
CA ALA A 179 39.79 -7.54 -18.06
C ALA A 179 40.73 -7.60 -19.25
N HIS A 180 41.71 -8.49 -19.22
CA HIS A 180 42.66 -8.58 -20.32
C HIS A 180 41.98 -9.14 -21.56
N SER A 181 41.09 -10.12 -21.38
CA SER A 181 40.37 -10.67 -22.53
C SER A 181 39.56 -9.60 -23.23
N GLN A 182 38.73 -8.87 -22.48
CA GLN A 182 38.03 -7.70 -23.01
C GLN A 182 38.98 -6.56 -23.38
N GLY A 183 40.28 -6.70 -23.11
CA GLY A 183 41.22 -5.63 -23.37
C GLY A 183 40.86 -4.31 -22.72
N CYS A 184 40.56 -4.35 -21.43
CA CYS A 184 40.36 -3.13 -20.67
C CYS A 184 41.70 -2.45 -20.39
N GLY A 185 41.64 -1.14 -20.21
CA GLY A 185 42.79 -0.40 -19.74
C GLY A 185 43.13 -0.74 -18.30
N GLU A 186 44.23 -0.19 -17.83
CA GLU A 186 44.69 -0.49 -16.49
C GLU A 186 43.79 0.23 -15.49
N GLY A 187 43.49 -0.44 -14.39
CA GLY A 187 42.52 0.07 -13.43
C GLY A 187 41.07 -0.18 -13.78
N GLN A 188 40.79 -0.76 -14.94
CA GLN A 188 39.42 -0.98 -15.41
C GLN A 188 39.02 -2.43 -15.21
N VAL A 189 37.73 -2.66 -14.99
CA VAL A 189 37.18 -4.01 -14.94
C VAL A 189 36.14 -4.17 -16.04
N ALA A 190 35.86 -5.43 -16.35
CA ALA A 190 34.67 -5.81 -17.11
C ALA A 190 33.43 -5.64 -16.23
N CYS A 191 32.56 -4.69 -16.58
CA CYS A 191 31.48 -4.29 -15.69
C CYS A 191 30.35 -5.30 -15.75
N LEU A 192 30.26 -6.14 -14.70
CA LEU A 192 29.25 -7.18 -14.59
C LEU A 192 28.74 -7.25 -13.16
N PHE A 193 27.40 -7.23 -13.02
CA PHE A 193 26.77 -7.11 -11.71
C PHE A 193 27.38 -8.09 -10.71
N GLU A 194 27.31 -9.39 -11.01
CA GLU A 194 27.77 -10.40 -10.07
C GLU A 194 29.28 -10.42 -9.88
N ASP A 195 30.03 -9.58 -10.59
CA ASP A 195 31.46 -9.47 -10.36
C ASP A 195 31.83 -8.39 -9.36
N VAL A 196 31.11 -7.28 -9.32
CA VAL A 196 31.49 -6.16 -8.47
C VAL A 196 30.65 -6.14 -7.18
N VAL A 197 29.42 -6.62 -7.24
CA VAL A 197 28.51 -6.58 -6.10
C VAL A 197 28.57 -7.93 -5.39
N PRO A 198 28.96 -7.98 -4.11
CA PRO A 198 29.04 -9.26 -3.42
C PRO A 198 27.67 -9.88 -3.14
N MET A 199 27.62 -11.22 -3.22
CA MET A 199 26.36 -11.93 -3.07
CA MET A 199 26.36 -11.93 -3.07
C MET A 199 25.88 -12.02 -1.63
N ASN A 200 26.76 -11.78 -0.65
CA ASN A 200 26.31 -11.79 0.73
C ASN A 200 25.56 -10.50 1.08
N TYR A 201 26.00 -9.37 0.51
CA TYR A 201 25.18 -8.16 0.53
C TYR A 201 23.77 -8.44 0.01
N MET A 202 23.68 -9.03 -1.20
CA MET A 202 22.38 -9.14 -1.85
C MET A 202 21.44 -10.06 -1.10
N VAL A 203 21.96 -11.12 -0.49
CA VAL A 203 21.10 -12.12 0.15
C VAL A 203 20.81 -11.76 1.61
N TYR A 204 21.86 -11.51 2.39
CA TYR A 204 21.67 -11.24 3.82
C TYR A 204 21.17 -9.84 4.06
N PHE A 205 21.85 -8.84 3.48
CA PHE A 205 21.54 -7.45 3.79
C PHE A 205 20.36 -6.92 2.98
N ASN A 206 20.41 -7.06 1.66
CA ASN A 206 19.37 -6.46 0.84
C ASN A 206 18.07 -7.25 0.94
N PHE A 207 18.11 -8.54 0.58
CA PHE A 207 16.88 -9.33 0.52
C PHE A 207 16.30 -9.57 1.91
N PHE A 208 17.05 -10.21 2.79
CA PHE A 208 16.49 -10.63 4.08
C PHE A 208 16.15 -9.42 4.93
N ALA A 209 17.11 -8.51 5.14
CA ALA A 209 16.92 -7.45 6.11
C ALA A 209 16.08 -6.30 5.54
N CYS A 210 16.32 -5.92 4.29
CA CYS A 210 15.79 -4.67 3.75
C CYS A 210 14.56 -4.85 2.86
N VAL A 211 14.36 -6.02 2.27
CA VAL A 211 13.17 -6.26 1.46
C VAL A 211 12.18 -7.14 2.20
N LEU A 212 12.62 -8.33 2.60
CA LEU A 212 11.71 -9.35 3.09
C LEU A 212 11.09 -8.96 4.43
N VAL A 213 11.92 -8.54 5.39
CA VAL A 213 11.38 -8.07 6.67
C VAL A 213 10.32 -6.98 6.49
N PRO A 214 10.58 -5.90 5.76
CA PRO A 214 9.51 -4.91 5.53
C PRO A 214 8.26 -5.49 4.90
N LEU A 215 8.38 -6.48 4.04
CA LEU A 215 7.19 -7.03 3.38
C LEU A 215 6.32 -7.80 4.38
N LEU A 216 6.94 -8.62 5.22
CA LEU A 216 6.22 -9.30 6.29
C LEU A 216 5.50 -8.32 7.22
N LEU A 217 6.08 -7.14 7.48
CA LEU A 217 5.40 -6.13 8.30
C LEU A 217 4.11 -5.66 7.66
N MET A 218 4.18 -5.37 6.36
CA MET A 218 2.99 -4.96 5.59
C MET A 218 1.94 -6.07 5.69
N LEU A 219 2.33 -7.34 5.55
CA LEU A 219 1.39 -8.43 5.70
C LEU A 219 0.67 -8.32 7.04
N GLY A 220 1.43 -8.07 8.11
CA GLY A 220 0.83 -7.97 9.43
C GLY A 220 -0.09 -6.76 9.59
N VAL A 221 0.38 -5.59 9.12
CA VAL A 221 -0.43 -4.37 9.21
C VAL A 221 -1.77 -4.56 8.49
N TYR A 222 -1.74 -5.11 7.28
CA TYR A 222 -2.96 -5.34 6.53
C TYR A 222 -3.86 -6.35 7.23
N LEU A 223 -3.28 -7.32 7.94
CA LEU A 223 -4.08 -8.27 8.68
C LEU A 223 -4.91 -7.55 9.74
N ARG A 224 -4.27 -6.65 10.51
CA ARG A 224 -5.04 -5.91 11.51
C ARG A 224 -6.07 -4.97 10.87
N ILE A 225 -5.77 -4.38 9.72
CA ILE A 225 -6.73 -3.45 9.10
C ILE A 225 -8.04 -4.17 8.83
N PHE A 226 -7.97 -5.30 8.12
CA PHE A 226 -9.18 -6.06 7.82
C PHE A 226 -9.82 -6.67 9.06
N ALA A 227 -9.03 -6.96 10.09
CA ALA A 227 -9.61 -7.48 11.32
C ALA A 227 -10.39 -6.40 12.05
N ALA A 228 -9.79 -5.21 12.20
CA ALA A 228 -10.49 -4.12 12.87
C ALA A 228 -11.72 -3.68 12.12
N ALA A 229 -11.72 -3.81 10.79
CA ALA A 229 -12.90 -3.44 10.02
C ALA A 229 -14.00 -4.48 10.14
N ARG A 230 -13.64 -5.76 10.09
CA ARG A 230 -14.64 -6.81 10.31
C ARG A 230 -15.25 -6.67 11.69
N ARG A 231 -14.44 -6.32 12.69
CA ARG A 231 -14.95 -6.18 14.04
C ARG A 231 -15.64 -4.84 14.27
N GLN A 232 -15.34 -3.80 13.48
CA GLN A 232 -16.16 -2.60 13.61
C GLN A 232 -17.58 -2.78 13.05
N LEU A 233 -17.70 -3.47 11.92
CA LEU A 233 -19.02 -3.78 11.38
C LEU A 233 -19.85 -4.61 12.35
N ALA A 234 -19.23 -5.60 12.99
CA ALA A 234 -19.94 -6.44 13.94
C ALA A 234 -20.51 -5.62 15.09
N ASP A 235 -19.74 -4.66 15.60
CA ASP A 235 -20.20 -3.85 16.72
C ASP A 235 -21.41 -3.02 16.32
N LEU A 236 -21.39 -2.45 15.11
CA LEU A 236 -22.58 -1.77 14.60
C LEU A 236 -23.78 -2.71 14.57
N GLU A 237 -23.62 -3.86 13.93
CA GLU A 237 -24.80 -4.75 13.75
C GLU A 237 -25.27 -5.29 15.09
N ASP A 238 -24.38 -5.47 16.06
CA ASP A 238 -24.83 -5.91 17.38
C ASP A 238 -25.68 -4.84 18.04
N ASN A 239 -25.25 -3.58 18.00
CA ASN A 239 -26.02 -2.51 18.60
C ASN A 239 -27.41 -2.46 17.98
N TRP A 240 -27.51 -2.87 16.70
CA TRP A 240 -28.79 -2.88 15.99
C TRP A 240 -29.69 -4.01 16.45
N GLU A 241 -29.14 -5.20 16.67
CA GLU A 241 -29.92 -6.30 17.21
C GLU A 241 -30.16 -6.18 18.71
N THR A 242 -29.26 -5.55 19.47
CA THR A 242 -29.58 -5.23 20.85
C THR A 242 -30.75 -4.24 20.93
N LEU A 243 -30.84 -3.31 19.99
CA LEU A 243 -31.86 -2.24 20.08
C LEU A 243 -33.25 -2.79 19.78
N ASN A 244 -33.39 -3.76 18.88
CA ASN A 244 -34.70 -4.23 18.48
C ASN A 244 -35.20 -5.47 19.22
N ASP A 245 -34.31 -6.31 19.77
CA ASP A 245 -34.80 -7.38 20.64
C ASP A 245 -35.29 -6.82 21.97
N ASN A 246 -34.53 -5.90 22.56
CA ASN A 246 -35.02 -5.16 23.72
C ASN A 246 -36.38 -4.54 23.45
N LEU A 247 -36.60 -4.04 22.23
CA LEU A 247 -37.89 -3.46 21.89
C LEU A 247 -39.01 -4.49 21.91
N LYS A 248 -38.75 -5.70 21.41
CA LYS A 248 -39.73 -6.77 21.50
C LYS A 248 -40.02 -7.15 22.94
N VAL A 249 -39.08 -6.91 23.86
CA VAL A 249 -39.31 -7.25 25.26
C VAL A 249 -40.33 -6.30 25.89
N ILE A 250 -40.10 -4.99 25.78
CA ILE A 250 -41.07 -4.03 26.30
C ILE A 250 -42.48 -4.31 25.77
N GLU A 251 -42.57 -4.75 24.50
CA GLU A 251 -43.86 -4.82 23.83
C GLU A 251 -44.83 -5.73 24.58
N LYS A 252 -44.44 -6.98 24.79
CA LYS A 252 -45.26 -7.98 25.45
C LYS A 252 -44.71 -8.30 26.83
N ALA A 253 -44.34 -7.27 27.59
CA ALA A 253 -43.79 -7.46 28.92
C ALA A 253 -44.88 -7.67 29.98
N ASP A 254 -44.49 -7.73 31.26
CA ASP A 254 -45.45 -7.98 32.36
C ASP A 254 -45.25 -7.00 33.52
N ASN A 255 -44.05 -6.95 34.09
CA ASN A 255 -43.77 -6.10 35.27
C ASN A 255 -42.97 -4.86 34.87
N ALA A 256 -42.93 -3.84 35.72
CA ALA A 256 -42.17 -2.60 35.46
C ALA A 256 -40.70 -2.88 35.74
N ALA A 257 -40.37 -3.99 36.41
CA ALA A 257 -38.96 -4.34 36.62
C ALA A 257 -38.29 -4.79 35.32
N GLN A 258 -39.06 -5.37 34.40
CA GLN A 258 -38.52 -5.83 33.14
C GLN A 258 -38.65 -4.84 32.00
N VAL A 259 -39.61 -3.91 32.05
CA VAL A 259 -39.54 -2.76 31.16
C VAL A 259 -38.28 -1.97 31.43
N LYS A 260 -37.96 -1.75 32.70
CA LYS A 260 -36.72 -1.05 33.05
C LYS A 260 -35.52 -1.70 32.36
N ASP A 261 -35.37 -3.01 32.57
CA ASP A 261 -34.21 -3.72 32.05
C ASP A 261 -34.13 -3.59 30.53
N ALA A 262 -35.24 -3.80 29.84
CA ALA A 262 -35.26 -3.73 28.38
C ALA A 262 -34.96 -2.32 27.86
N LEU A 263 -35.08 -1.30 28.70
CA LEU A 263 -34.73 0.06 28.34
C LEU A 263 -33.34 0.48 28.77
N THR A 264 -32.82 -0.08 29.85
CA THR A 264 -31.41 0.12 30.19
C THR A 264 -30.48 -0.43 29.11
N LYS A 265 -30.82 -1.59 28.53
CA LYS A 265 -29.96 -2.14 27.49
C LYS A 265 -29.99 -1.32 26.21
N MET A 266 -31.09 -0.60 26.00
CA MET A 266 -31.25 0.19 24.77
C MET A 266 -30.44 1.47 24.88
N ARG A 267 -30.38 2.05 26.07
CA ARG A 267 -29.69 3.35 26.26
C ARG A 267 -28.19 3.10 26.08
N ALA A 268 -27.63 2.11 26.76
CA ALA A 268 -26.23 1.76 26.56
C ALA A 268 -25.91 1.50 25.09
N ALA A 269 -26.77 0.75 24.39
CA ALA A 269 -26.56 0.50 22.96
C ALA A 269 -26.69 1.75 22.11
N ALA A 270 -27.50 2.71 22.55
CA ALA A 270 -27.60 3.98 21.84
C ALA A 270 -26.31 4.77 21.95
N LEU A 271 -25.79 4.90 23.16
CA LEU A 271 -24.57 5.65 23.40
C LEU A 271 -23.36 4.99 22.75
N ASP A 272 -23.31 3.66 22.74
CA ASP A 272 -22.23 2.94 22.06
C ASP A 272 -22.22 3.19 20.57
N ALA A 273 -23.39 3.18 19.93
CA ALA A 273 -23.46 3.38 18.48
C ALA A 273 -23.15 4.81 18.10
N GLN A 274 -23.35 5.75 19.01
CA GLN A 274 -22.99 7.13 18.74
C GLN A 274 -21.51 7.24 18.39
N LYS A 275 -20.67 6.45 19.05
CA LYS A 275 -19.24 6.43 18.76
C LYS A 275 -18.86 5.20 17.93
N PHE A 294 -27.34 14.13 12.39
CA PHE A 294 -27.15 12.83 13.01
C PHE A 294 -27.36 12.92 14.52
N ARG A 295 -26.83 14.00 15.11
CA ARG A 295 -26.93 14.18 16.55
C ARG A 295 -28.37 14.35 17.00
N HIS A 296 -29.20 15.01 16.19
CA HIS A 296 -30.61 15.14 16.50
C HIS A 296 -31.31 13.79 16.67
N GLY A 297 -31.29 12.97 15.62
CA GLY A 297 -31.91 11.64 15.71
C GLY A 297 -31.57 10.89 16.99
N PHE A 298 -30.32 11.03 17.46
CA PHE A 298 -29.99 10.38 18.71
C PHE A 298 -30.42 11.23 19.91
N ASP A 299 -30.37 12.54 19.75
CA ASP A 299 -30.78 13.48 20.83
C ASP A 299 -32.21 13.13 21.22
N ILE A 300 -33.07 12.84 20.25
CA ILE A 300 -34.45 12.43 20.55
C ILE A 300 -34.51 11.02 21.10
N LEU A 301 -33.88 10.05 20.44
CA LEU A 301 -33.95 8.63 20.87
C LEU A 301 -33.58 8.52 22.34
N VAL A 302 -32.44 9.04 22.78
CA VAL A 302 -32.07 8.85 24.19
C VAL A 302 -33.03 9.60 25.09
N GLY A 303 -33.49 10.78 24.68
CA GLY A 303 -34.53 11.46 25.43
C GLY A 303 -35.80 10.64 25.59
N GLN A 304 -36.24 10.02 24.51
CA GLN A 304 -37.43 9.16 24.58
C GLN A 304 -37.20 7.96 25.49
N ILE A 305 -36.02 7.34 25.47
CA ILE A 305 -35.75 6.28 26.44
C ILE A 305 -35.90 6.87 27.83
N ASP A 306 -35.20 7.95 28.09
CA ASP A 306 -35.19 8.57 29.44
C ASP A 306 -36.64 8.68 29.93
N ASP A 307 -37.54 9.31 29.18
CA ASP A 307 -38.89 9.55 29.68
CA ASP A 307 -38.89 9.55 29.69
C ASP A 307 -39.62 8.23 29.97
N ALA A 308 -39.61 7.31 29.01
CA ALA A 308 -40.27 6.02 29.19
C ALA A 308 -39.71 5.27 30.40
N LEU A 309 -38.45 5.52 30.73
CA LEU A 309 -37.83 4.92 31.92
C LEU A 309 -38.48 5.42 33.20
N LYS A 310 -38.72 6.73 33.31
CA LYS A 310 -39.27 7.25 34.57
C LYS A 310 -40.69 6.79 34.83
N LEU A 311 -41.45 6.55 33.76
CA LEU A 311 -42.80 5.95 33.92
C LEU A 311 -42.58 4.60 34.60
N ALA A 312 -41.71 3.77 34.03
CA ALA A 312 -41.45 2.45 34.60
C ALA A 312 -41.08 2.59 36.07
N ASN A 313 -40.19 3.52 36.40
CA ASN A 313 -39.73 3.62 37.77
C ASN A 313 -40.87 3.94 38.73
N GLU A 314 -41.69 4.97 38.40
CA GLU A 314 -42.85 5.18 39.30
C GLU A 314 -43.90 4.05 39.13
N GLY A 315 -43.62 3.01 38.36
CA GLY A 315 -44.48 1.85 38.30
C GLY A 315 -45.64 1.94 37.33
N LYS A 316 -45.75 3.02 36.56
CA LYS A 316 -46.81 3.06 35.55
C LYS A 316 -46.29 2.20 34.41
N VAL A 317 -46.82 0.99 34.27
CA VAL A 317 -46.21 0.04 33.36
C VAL A 317 -46.60 0.36 31.92
N LYS A 318 -47.91 0.49 31.67
CA LYS A 318 -48.45 0.48 30.32
C LYS A 318 -48.42 1.83 29.64
N GLU A 319 -48.22 2.92 30.36
CA GLU A 319 -47.85 4.16 29.69
C GLU A 319 -46.37 4.20 29.33
N ALA A 320 -45.54 3.52 30.10
CA ALA A 320 -44.15 3.29 29.71
C ALA A 320 -44.00 2.34 28.52
N GLN A 321 -44.79 1.28 28.48
CA GLN A 321 -44.89 0.48 27.25
C GLN A 321 -45.22 1.34 26.05
N ALA A 322 -46.47 1.81 25.99
CA ALA A 322 -46.97 2.63 24.89
C ALA A 322 -45.98 3.71 24.46
N ALA A 323 -45.30 4.32 25.42
CA ALA A 323 -44.31 5.34 25.11
C ALA A 323 -43.13 4.78 24.34
N ALA A 324 -42.86 3.49 24.44
CA ALA A 324 -41.67 2.88 23.82
C ALA A 324 -41.98 2.42 22.40
N GLU A 325 -43.14 2.73 21.85
CA GLU A 325 -43.49 2.40 20.45
C GLU A 325 -43.28 3.66 19.62
N GLN A 326 -43.30 4.81 20.27
CA GLN A 326 -42.97 6.06 19.55
C GLN A 326 -41.47 5.99 19.28
N LEU A 327 -40.75 5.13 20.01
CA LEU A 327 -39.30 4.93 19.77
C LEU A 327 -39.19 4.41 18.35
N LYS A 328 -40.02 3.44 17.98
CA LYS A 328 -40.01 2.86 16.62
C LYS A 328 -39.96 4.01 15.62
N THR A 329 -40.69 5.09 15.84
CA THR A 329 -40.71 6.18 14.87
C THR A 329 -39.31 6.79 14.73
N THR A 330 -38.70 7.19 15.85
CA THR A 330 -37.34 7.72 15.78
C THR A 330 -36.35 6.73 15.17
N ARG A 331 -36.53 5.43 15.40
CA ARG A 331 -35.62 4.46 14.83
C ARG A 331 -35.63 4.47 13.31
N ASN A 332 -36.83 4.44 12.71
CA ASN A 332 -36.92 4.40 11.25
C ASN A 332 -36.56 5.73 10.62
N ALA A 333 -36.80 6.85 11.32
CA ALA A 333 -36.56 8.15 10.71
C ALA A 333 -35.11 8.63 10.83
N TYR A 334 -34.33 8.10 11.77
CA TYR A 334 -33.01 8.70 11.99
C TYR A 334 -31.91 7.65 12.12
N ILE A 335 -31.96 6.84 13.17
CA ILE A 335 -30.81 5.99 13.48
C ILE A 335 -30.57 4.96 12.38
N GLN A 336 -31.57 4.64 11.56
CA GLN A 336 -31.32 3.65 10.52
C GLN A 336 -30.69 4.28 9.28
N LYS A 337 -30.90 5.58 9.06
CA LYS A 337 -30.09 6.29 8.08
C LYS A 337 -28.66 6.42 8.57
N TYR A 338 -28.49 6.48 9.89
CA TYR A 338 -27.18 6.53 10.49
C TYR A 338 -26.43 5.22 10.25
N LEU A 339 -27.04 4.09 10.65
CA LEU A 339 -26.35 2.81 10.53
C LEU A 339 -26.13 2.39 9.08
N GLU A 340 -26.97 2.87 8.17
CA GLU A 340 -26.80 2.54 6.76
C GLU A 340 -25.59 3.28 6.17
N ARG A 341 -25.48 4.59 6.42
CA ARG A 341 -24.37 5.36 5.88
C ARG A 341 -23.04 5.14 6.61
N ALA A 342 -23.05 4.79 7.89
CA ALA A 342 -21.82 4.29 8.53
C ALA A 342 -21.35 2.99 7.88
N ARG A 343 -22.31 2.13 7.56
CA ARG A 343 -21.96 0.85 6.90
C ARG A 343 -21.34 1.18 5.55
N SER A 344 -21.91 2.12 4.81
CA SER A 344 -21.42 2.42 3.47
C SER A 344 -19.98 2.93 3.53
N THR A 345 -19.62 3.64 4.60
CA THR A 345 -18.32 4.27 4.69
C THR A 345 -17.23 3.26 5.04
N LEU A 346 -17.52 2.33 5.94
CA LEU A 346 -16.56 1.27 6.23
C LEU A 346 -16.22 0.49 4.97
N GLN A 347 -17.22 0.22 4.11
CA GLN A 347 -16.94 -0.53 2.89
C GLN A 347 -16.04 0.27 1.95
N LYS A 348 -16.25 1.57 1.86
CA LYS A 348 -15.34 2.42 1.08
C LYS A 348 -13.91 2.32 1.60
N GLU A 349 -13.72 2.42 2.92
CA GLU A 349 -12.37 2.36 3.48
C GLU A 349 -11.71 1.01 3.24
N VAL A 350 -12.50 -0.06 3.31
CA VAL A 350 -11.97 -1.44 3.08
C VAL A 350 -11.64 -1.60 1.60
N HIS A 351 -12.50 -1.11 0.70
CA HIS A 351 -12.19 -1.18 -0.72
C HIS A 351 -10.86 -0.47 -1.00
N ALA A 352 -10.66 0.69 -0.37
CA ALA A 352 -9.42 1.44 -0.58
C ALA A 352 -8.22 0.70 -0.01
N ALA A 353 -8.40 0.01 1.12
CA ALA A 353 -7.28 -0.73 1.71
C ALA A 353 -6.94 -1.97 0.89
N LYS A 354 -7.92 -2.48 0.17
CA LYS A 354 -7.68 -3.67 -0.67
C LYS A 354 -6.92 -3.23 -1.91
N SER A 355 -7.22 -2.06 -2.46
CA SER A 355 -6.43 -1.55 -3.57
C SER A 355 -4.96 -1.42 -3.20
N ALA A 356 -4.68 -0.92 -2.00
CA ALA A 356 -3.29 -0.75 -1.59
C ALA A 356 -2.59 -2.10 -1.41
N ALA A 357 -3.30 -3.09 -0.89
CA ALA A 357 -2.71 -4.41 -0.70
C ALA A 357 -2.33 -5.06 -2.02
N ILE A 358 -3.15 -4.86 -3.06
CA ILE A 358 -2.84 -5.43 -4.37
C ILE A 358 -1.53 -4.87 -4.91
N ILE A 359 -1.29 -3.56 -4.74
CA ILE A 359 -0.02 -2.99 -5.21
C ILE A 359 1.16 -3.59 -4.47
N ALA A 360 1.04 -3.74 -3.15
CA ALA A 360 2.14 -4.34 -2.40
C ALA A 360 2.34 -5.80 -2.82
N GLY A 361 1.25 -6.54 -3.01
CA GLY A 361 1.38 -7.92 -3.41
C GLY A 361 2.07 -8.05 -4.76
N LEU A 362 1.76 -7.14 -5.69
CA LEU A 362 2.35 -7.19 -7.02
C LEU A 362 3.82 -6.82 -7.01
N PHE A 363 4.23 -5.92 -6.12
CA PHE A 363 5.65 -5.68 -5.90
C PHE A 363 6.37 -6.98 -5.55
N ALA A 364 5.85 -7.72 -4.57
CA ALA A 364 6.51 -8.94 -4.14
C ALA A 364 6.58 -9.96 -5.27
N LEU A 365 5.45 -10.21 -5.92
CA LEU A 365 5.42 -11.11 -7.06
C LEU A 365 6.52 -10.80 -8.06
N CYS A 366 6.57 -9.55 -8.53
CA CYS A 366 7.51 -9.16 -9.58
C CYS A 366 8.98 -9.21 -9.16
N TRP A 367 9.27 -9.15 -7.86
CA TRP A 367 10.63 -9.00 -7.38
C TRP A 367 11.21 -10.25 -6.75
N LEU A 368 10.37 -11.16 -6.27
CA LEU A 368 10.90 -12.36 -5.60
C LEU A 368 11.71 -13.26 -6.53
N PRO A 369 11.29 -13.50 -7.78
CA PRO A 369 12.08 -14.42 -8.62
C PRO A 369 13.57 -14.08 -8.65
N LEU A 370 13.94 -12.79 -8.77
CA LEU A 370 15.35 -12.45 -8.81
C LEU A 370 16.05 -12.72 -7.49
N HIS A 371 15.39 -12.35 -6.39
CA HIS A 371 15.94 -12.61 -5.07
C HIS A 371 16.10 -14.11 -4.83
N ILE A 372 15.13 -14.91 -5.26
CA ILE A 372 15.24 -16.36 -5.09
C ILE A 372 16.40 -16.93 -5.90
N ILE A 373 16.57 -16.46 -7.15
CA ILE A 373 17.70 -16.95 -7.96
C ILE A 373 19.02 -16.62 -7.28
N ASN A 374 19.15 -15.38 -6.79
CA ASN A 374 20.38 -15.02 -6.09
C ASN A 374 20.60 -15.95 -4.90
N CYS A 375 19.52 -16.36 -4.24
CA CYS A 375 19.63 -17.28 -3.12
C CYS A 375 20.25 -18.58 -3.58
N PHE A 376 19.76 -19.12 -4.70
CA PHE A 376 20.35 -20.34 -5.24
C PHE A 376 21.82 -20.12 -5.60
N THR A 377 22.11 -19.01 -6.27
CA THR A 377 23.49 -18.72 -6.66
C THR A 377 24.42 -18.74 -5.44
N PHE A 378 23.98 -18.13 -4.34
CA PHE A 378 24.80 -17.94 -3.16
C PHE A 378 24.87 -19.17 -2.26
N PHE A 379 23.74 -19.84 -2.04
CA PHE A 379 23.68 -20.94 -1.08
C PHE A 379 24.07 -22.29 -1.65
N CYS A 380 23.99 -22.48 -2.98
CA CYS A 380 24.34 -23.75 -3.63
C CYS A 380 25.46 -23.55 -4.65
N PRO A 381 26.72 -23.50 -4.19
CA PRO A 381 27.84 -23.50 -5.13
C PRO A 381 28.02 -24.82 -5.87
N ASP A 382 27.36 -25.89 -5.44
CA ASP A 382 27.34 -27.12 -6.21
C ASP A 382 26.33 -27.10 -7.35
N CYS A 383 25.42 -26.13 -7.36
CA CYS A 383 24.42 -26.05 -8.41
C CYS A 383 24.99 -25.33 -9.62
N SER A 384 24.44 -25.62 -10.80
CA SER A 384 24.75 -24.82 -11.97
C SER A 384 24.08 -23.45 -11.84
N HIS A 385 24.78 -22.42 -12.28
CA HIS A 385 24.22 -21.08 -12.22
C HIS A 385 23.00 -21.00 -13.15
N ALA A 386 21.96 -20.32 -12.69
CA ALA A 386 20.79 -20.11 -13.51
C ALA A 386 21.19 -19.64 -14.90
N PRO A 387 20.59 -20.16 -15.97
CA PRO A 387 21.00 -19.80 -17.33
C PRO A 387 20.67 -18.35 -17.66
N LEU A 388 21.42 -17.81 -18.63
CA LEU A 388 21.30 -16.40 -18.96
C LEU A 388 19.88 -16.00 -19.33
N TRP A 389 19.18 -16.84 -20.09
CA TRP A 389 17.83 -16.47 -20.52
C TRP A 389 16.90 -16.32 -19.33
N LEU A 390 17.11 -17.10 -18.26
CA LEU A 390 16.29 -16.97 -17.05
C LEU A 390 16.67 -15.72 -16.25
N MET A 391 17.97 -15.41 -16.18
CA MET A 391 18.41 -14.14 -15.58
C MET A 391 17.69 -12.98 -16.21
N TYR A 392 17.56 -12.99 -17.54
CA TYR A 392 16.98 -11.83 -18.21
C TYR A 392 15.47 -11.80 -18.09
N LEU A 393 14.81 -12.96 -17.97
CA LEU A 393 13.39 -12.97 -17.67
C LEU A 393 13.11 -12.39 -16.28
N ALA A 394 13.95 -12.73 -15.30
CA ALA A 394 13.73 -12.23 -13.94
C ALA A 394 13.99 -10.73 -13.83
N ILE A 395 15.08 -10.26 -14.44
CA ILE A 395 15.33 -8.81 -14.49
C ILE A 395 14.18 -8.11 -15.18
N VAL A 396 13.76 -8.61 -16.35
CA VAL A 396 12.67 -7.97 -17.09
C VAL A 396 11.42 -7.94 -16.23
N LEU A 397 11.18 -9.01 -15.48
CA LEU A 397 9.97 -9.08 -14.67
C LEU A 397 10.02 -8.10 -13.52
N SER A 398 11.18 -7.91 -12.89
CA SER A 398 11.26 -6.91 -11.84
C SER A 398 11.05 -5.51 -12.38
N HIS A 399 11.41 -5.29 -13.66
CA HIS A 399 11.16 -3.99 -14.28
C HIS A 399 9.70 -3.78 -14.61
N THR A 400 8.97 -4.87 -14.91
CA THR A 400 7.56 -4.76 -15.26
C THR A 400 6.73 -4.14 -14.13
N ASN A 401 7.15 -4.31 -12.89
CA ASN A 401 6.41 -3.72 -11.78
C ASN A 401 6.22 -2.21 -11.92
N SER A 402 7.12 -1.55 -12.63
CA SER A 402 7.01 -0.11 -12.85
C SER A 402 5.90 0.28 -13.81
N VAL A 403 5.22 -0.69 -14.45
CA VAL A 403 4.15 -0.39 -15.40
C VAL A 403 2.77 -0.59 -14.77
N VAL A 404 2.66 -1.47 -13.78
CA VAL A 404 1.35 -1.98 -13.42
C VAL A 404 0.52 -1.04 -12.54
N ASN A 405 1.14 -0.23 -11.69
CA ASN A 405 0.35 0.55 -10.74
C ASN A 405 -0.66 1.47 -11.40
N PRO A 406 -0.32 2.25 -12.43
CA PRO A 406 -1.36 3.09 -13.08
C PRO A 406 -2.61 2.34 -13.51
N PHE A 407 -2.47 1.11 -14.01
CA PHE A 407 -3.66 0.34 -14.35
C PHE A 407 -4.51 -0.01 -13.14
N ILE A 408 -3.88 -0.21 -11.98
CA ILE A 408 -4.66 -0.57 -10.80
C ILE A 408 -5.47 0.62 -10.31
N TYR A 409 -4.90 1.82 -10.38
CA TYR A 409 -5.67 3.01 -9.99
C TYR A 409 -6.87 3.19 -10.90
N ALA A 410 -6.67 3.02 -12.21
CA ALA A 410 -7.74 3.30 -13.16
C ALA A 410 -8.89 2.29 -13.06
N TYR A 411 -8.59 1.03 -12.74
CA TYR A 411 -9.67 0.07 -12.62
C TYR A 411 -10.40 0.18 -11.28
N ARG A 412 -9.69 0.58 -10.22
CA ARG A 412 -10.17 0.38 -8.87
C ARG A 412 -10.55 1.66 -8.12
N ILE A 413 -10.16 2.83 -8.59
CA ILE A 413 -10.44 4.07 -7.87
C ILE A 413 -11.09 5.04 -8.84
N ARG A 414 -12.37 5.34 -8.61
CA ARG A 414 -13.16 6.04 -9.62
C ARG A 414 -12.63 7.46 -9.83
N GLU A 415 -12.19 8.12 -8.76
CA GLU A 415 -11.65 9.47 -8.89
C GLU A 415 -10.43 9.49 -9.83
N PHE A 416 -9.54 8.52 -9.71
CA PHE A 416 -8.43 8.42 -10.65
C PHE A 416 -8.92 8.16 -12.07
N ARG A 417 -9.88 7.24 -12.20
CA ARG A 417 -10.32 6.83 -13.54
C ARG A 417 -10.96 8.00 -14.28
N GLN A 418 -11.79 8.78 -13.60
CA GLN A 418 -12.41 9.92 -14.25
C GLN A 418 -11.38 11.00 -14.56
N THR A 419 -10.41 11.20 -13.67
CA THR A 419 -9.36 12.17 -13.95
C THR A 419 -8.51 11.73 -15.15
N PHE A 420 -8.22 10.42 -15.24
CA PHE A 420 -7.52 9.90 -16.42
C PHE A 420 -8.31 10.20 -17.68
N ARG A 421 -9.61 9.92 -17.66
CA ARG A 421 -10.46 10.17 -18.83
C ARG A 421 -10.41 11.64 -19.23
N LYS A 422 -10.52 12.54 -18.26
CA LYS A 422 -10.56 13.97 -18.59
C LYS A 422 -9.28 14.44 -19.25
N ILE A 423 -8.12 13.97 -18.78
CA ILE A 423 -6.87 14.41 -19.38
C ILE A 423 -6.69 13.85 -20.78
N ILE A 424 -7.02 12.58 -20.98
CA ILE A 424 -6.74 12.00 -22.29
C ILE A 424 -7.58 12.70 -23.34
N ARG A 425 -8.91 12.75 -23.12
CA ARG A 425 -9.84 13.38 -24.04
C ARG A 425 -9.56 14.88 -24.22
N SER A 426 -9.41 15.61 -23.12
CA SER A 426 -9.18 17.06 -23.21
C SER A 426 -7.87 17.41 -23.92
N HIS A 427 -6.76 16.73 -23.63
CA HIS A 427 -5.47 17.22 -24.10
C HIS A 427 -4.87 16.36 -25.20
N VAL A 428 -4.77 15.04 -25.01
CA VAL A 428 -4.14 14.20 -26.02
C VAL A 428 -5.01 14.12 -27.28
N LEU A 429 -6.25 13.65 -27.14
CA LEU A 429 -7.06 13.31 -28.30
C LEU A 429 -7.91 14.45 -28.83
N ARG A 430 -8.15 15.50 -28.04
CA ARG A 430 -8.87 16.66 -28.55
C ARG A 430 -8.39 17.95 -27.89
C1 OLA B . 4.18 16.55 -2.39
O1 OLA B . 3.40 16.32 -3.35
O2 OLA B . 3.83 17.35 -1.50
C2 OLA B . 5.51 15.85 -2.31
C3 OLA B . 5.48 14.57 -3.13
C4 OLA B . 6.76 14.40 -3.94
C5 OLA B . 7.01 12.92 -4.22
C6 OLA B . 8.25 12.67 -5.05
C7 OLA B . 9.11 13.93 -5.19
C8 OLA B . 10.42 13.58 -5.88
C9 OLA B . 11.08 12.48 -5.09
C10 OLA B . 12.51 12.23 -5.27
C11 OLA B . 13.24 12.84 -6.43
C12 OLA B . 14.41 11.96 -6.84
C13 OLA B . 15.74 12.56 -6.41
C14 OLA B . 16.89 11.63 -6.76
C1 OLA C . 27.98 -16.47 7.28
O1 OLA C . 28.77 -16.17 6.35
O2 OLA C . 27.84 -17.66 7.61
C2 OLA C . 27.21 -15.38 8.00
C3 OLA C . 26.18 -16.06 8.91
C4 OLA C . 24.78 -15.60 8.55
C5 OLA C . 24.71 -14.08 8.51
C6 OLA C . 23.29 -13.56 8.66
C7 OLA C . 22.33 -14.63 9.18
C8 OLA C . 20.93 -14.04 9.36
C9 OLA C . 20.52 -13.30 8.11
C10 OLA C . 19.64 -12.14 8.22
C11 OLA C . 18.88 -11.86 9.50
C12 OLA C . 17.69 -10.95 9.21
C13 OLA C . 16.49 -11.74 8.74
C1 OLA D . 14.74 14.63 12.80
C2 OLA D . 14.15 13.35 12.21
C3 OLA D . 15.21 12.26 12.10
C4 OLA D . 14.81 11.03 12.91
C5 OLA D . 15.29 9.77 12.21
C6 OLA D . 16.71 9.95 11.68
C7 OLA D . 17.39 8.61 11.69
C8 OLA D . 18.84 8.47 11.90
C9 OLA D . 19.76 7.98 10.81
C10 OLA D . 20.74 7.00 11.44
C11 OLA D . 21.73 6.42 10.43
C12 OLA D . 21.20 6.47 9.00
C13 OLA D . 21.93 5.48 8.11
C14 OLA D . 21.50 4.04 8.40
C15 OLA D . 22.43 3.05 7.71
C16 OLA D . 21.63 1.90 7.09
C3 OLA E . 25.08 -2.56 -27.44
C4 OLA E . 24.43 -1.21 -27.15
C5 OLA E . 22.93 -1.23 -27.41
C6 OLA E . 22.36 0.18 -27.51
C7 OLA E . 21.31 0.27 -28.61
C8 OLA E . 20.58 1.60 -28.53
C9 OLA E . 19.61 1.75 -29.68
C10 OLA E . 18.58 2.79 -29.60
C11 OLA E . 17.68 2.82 -28.38
C12 OLA E . 17.35 4.26 -28.00
C13 OLA E . 16.49 4.92 -29.09
N1 A1H3H F . 20.58 -6.79 -11.86
N3 A1H3H F . 21.78 -8.70 -12.79
C4 A1H3H F . 20.96 -4.93 -13.45
C5 A1H3H F . 21.14 -8.05 -11.77
C6 A1H3H F . 21.13 -8.75 -10.62
C8 A1H3H F . 22.19 -9.85 -12.21
C13 A1H3H F . 25.56 -12.51 -16.67
C15 A1H3H F . 27.10 -15.75 -15.97
C9 A1H3H F . 22.94 -10.90 -12.88
C17 A1H3H F . 24.58 -12.97 -14.13
C1 A1H3H F . 19.37 -6.39 -8.38
C2 A1H3H F . 19.87 -6.28 -10.77
C3 A1H3H F . 20.27 -6.24 -13.19
C14 A1H3H F . 25.90 -13.69 -15.98
C16 A1H3H F . 25.40 -13.91 -14.71
C19 A1H3H F . 20.58 -8.25 -9.42
O1 A1H3H F . 26.74 -14.54 -16.64
N A1H3H F . 19.97 -6.99 -9.59
C A1H3H F . 17.88 -6.41 -8.41
O A1H3H F . 19.19 -5.28 -10.86
C10 A1H3H F . 23.42 -10.78 -14.11
C11 A1H3H F . 24.23 -11.79 -14.80
C12 A1H3H F . 24.73 -11.58 -16.08
C7 A1H3H F . 22.10 -11.00 -9.96
N2 A1H3H F . 21.81 -9.92 -10.90
O2 A1H3H F . 26.12 -12.38 -17.92
O3 A1H3H F . 20.60 -8.79 -8.33
C1 CLR G . 19.37 -23.60 -0.33
C2 CLR G . 20.49 -24.45 -0.89
C3 CLR G . 19.96 -25.80 -1.32
C4 CLR G . 18.83 -25.63 -2.33
C5 CLR G . 17.77 -24.67 -1.90
C6 CLR G . 16.49 -24.92 -2.15
C7 CLR G . 15.33 -24.04 -1.78
C8 CLR G . 15.77 -22.63 -1.42
C9 CLR G . 17.06 -22.64 -0.59
C10 CLR G . 18.24 -23.33 -1.34
C11 CLR G . 17.39 -21.24 -0.04
C12 CLR G . 16.22 -20.55 0.65
C13 CLR G . 14.98 -20.48 -0.24
C14 CLR G . 14.67 -21.93 -0.64
C15 CLR G . 13.29 -21.83 -1.28
C16 CLR G . 12.56 -20.85 -0.35
C17 CLR G . 13.64 -20.08 0.46
C18 CLR G . 15.27 -19.59 -1.47
C19 CLR G . 18.78 -22.49 -2.51
C20 CLR G . 13.34 -18.58 0.63
C21 CLR G . 14.33 -17.94 1.61
C22 CLR G . 11.90 -18.28 1.08
C23 CLR G . 11.55 -16.78 1.14
C24 CLR G . 10.45 -16.44 2.14
C25 CLR G . 9.01 -16.52 1.65
C26 CLR G . 8.15 -15.57 2.49
C27 CLR G . 8.83 -16.18 0.19
O1 CLR G . 21.05 -26.53 -1.85
H11 CLR G . 18.99 -24.03 0.45
H12 CLR G . 19.73 -22.75 -0.04
H21 CLR G . 20.91 -24.00 -1.63
H22 CLR G . 21.18 -24.56 -0.20
H3 CLR G . 19.57 -26.25 -0.55
H41 CLR G . 19.19 -25.34 -3.19
H42 CLR G . 18.41 -26.50 -2.50
H6 CLR G . 16.28 -25.72 -2.61
H71 CLR G . 14.85 -24.45 -1.04
H72 CLR G . 14.70 -24.02 -2.51
H8 CLR G . 15.94 -22.14 -2.24
H9 CLR G . 16.89 -23.19 0.20
H111 CLR G . 17.70 -20.67 -0.77
H112 CLR G . 18.14 -21.30 0.58
H121 CLR G . 16.46 -19.65 0.92
H122 CLR G . 15.99 -21.02 1.47
H14 CLR G . 14.55 -22.43 0.18
H151 CLR G . 12.85 -22.69 -1.32
H152 CLR G . 13.33 -21.50 -2.19
H161 CLR G . 12.00 -20.24 -0.85
H162 CLR G . 11.96 -21.33 0.26
H17 CLR G . 13.63 -20.46 1.34
H181 CLR G . 16.00 -19.92 -2.01
H182 CLR G . 14.50 -19.54 -2.07
H183 CLR G . 15.48 -18.68 -1.23
H191 CLR G . 19.33 -21.76 -2.20
H192 CLR G . 18.06 -22.11 -3.04
H193 CLR G . 19.33 -23.03 -3.11
H20 CLR G . 13.38 -18.19 -0.25
H211 CLR G . 14.90 -18.61 2.02
H212 CLR G . 14.91 -17.30 1.15
H213 CLR G . 13.87 -17.47 2.32
H221 CLR G . 11.29 -18.72 0.48
H222 CLR G . 11.75 -18.68 1.95
H231 CLR G . 12.35 -16.28 1.38
H232 CLR G . 11.29 -16.48 0.26
H241 CLR G . 10.54 -17.03 2.90
H242 CLR G . 10.61 -15.55 2.48
H25 CLR G . 8.71 -17.45 1.78
H261 CLR G . 8.39 -14.64 2.34
H262 CLR G . 7.20 -15.65 2.27
H263 CLR G . 8.23 -15.74 3.44
H271 CLR G . 9.20 -16.88 -0.37
H272 CLR G . 7.89 -16.07 -0.03
H273 CLR G . 9.29 -15.36 -0.02
H1 CLR G . 21.36 -27.03 -1.23
C1 CLR H . 31.76 5.47 -17.23
C2 CLR H . 32.98 4.56 -17.36
C3 CLR H . 34.11 5.08 -16.48
C4 CLR H . 33.62 5.15 -15.03
C5 CLR H . 32.40 6.00 -14.90
C6 CLR H . 32.27 6.83 -13.87
C7 CLR H . 31.06 7.62 -13.56
C8 CLR H . 29.81 7.17 -14.32
C9 CLR H . 30.18 6.78 -15.75
C10 CLR H . 31.23 5.64 -15.79
C11 CLR H . 28.92 6.53 -16.60
C12 CLR H . 27.84 7.63 -16.51
C13 CLR H . 27.49 8.02 -15.07
C14 CLR H . 28.80 8.30 -14.34
C15 CLR H . 28.31 8.89 -13.01
C16 CLR H . 27.21 9.85 -13.47
C17 CLR H . 26.77 9.40 -14.90
C18 CLR H . 26.67 6.89 -14.40
C19 CLR H . 30.65 4.31 -15.29
C20 CLR H . 25.25 9.48 -15.09
C21 CLR H . 24.78 9.12 -16.50
C22 CLR H . 24.71 10.88 -14.76
C23 CLR H . 23.18 10.98 -14.85
C24 CLR H . 22.68 12.41 -14.62
C25 CLR H . 21.26 12.70 -15.10
C26 CLR H . 20.97 14.20 -14.98
C27 CLR H . 20.99 12.22 -16.51
O1 CLR H . 35.25 4.26 -16.62
H11 CLR H . 31.05 5.11 -17.78
H12 CLR H . 31.98 6.34 -17.58
H21 CLR H . 32.75 3.66 -17.09
H22 CLR H . 33.26 4.52 -18.28
H3 CLR H . 34.34 5.98 -16.79
H41 CLR H . 34.32 5.49 -14.46
H42 CLR H . 33.43 4.25 -14.71
H6 CLR H . 33.00 6.94 -13.29
H71 CLR H . 30.89 7.59 -12.60
H72 CLR H . 31.23 8.56 -13.75
H8 CLR H . 29.42 6.40 -13.87
H9 CLR H . 30.61 7.55 -16.16
H111 CLR H . 29.17 6.43 -17.53
H112 CLR H . 28.52 5.69 -16.34
H121 CLR H . 28.15 8.42 -16.97
H122 CLR H . 27.04 7.33 -16.96
H14 CLR H . 29.24 9.01 -14.82
H151 CLR H . 27.96 8.20 -12.42
H152 CLR H . 29.01 9.34 -12.54
H161 CLR H . 26.46 9.85 -12.86
H162 CLR H . 27.53 10.77 -13.50
H17 CLR H . 27.17 9.98 -15.55
H181 CLR H . 25.96 6.54 -14.97
H182 CLR H . 27.21 6.13 -14.16
H183 CLR H . 26.23 7.18 -13.58
H191 CLR H . 29.95 3.98 -15.89
H192 CLR H . 30.25 4.39 -14.41
H193 CLR H . 31.32 3.61 -15.24
H20 CLR H . 24.88 8.87 -14.43
H211 CLR H . 25.46 8.58 -16.95
H212 CLR H . 24.63 9.92 -17.03
H213 CLR H . 23.97 8.61 -16.48
H221 CLR H . 25.00 11.13 -13.88
H222 CLR H . 25.11 11.52 -15.38
H231 CLR H . 22.78 10.40 -14.18
H232 CLR H . 22.88 10.67 -15.71
H241 CLR H . 23.28 13.03 -15.05
H242 CLR H . 22.73 12.60 -13.66
H25 CLR H . 20.64 12.21 -14.53
H261 CLR H . 21.56 14.73 -15.54
H262 CLR H . 21.10 14.51 -14.07
H263 CLR H . 20.06 14.41 -15.23
H271 CLR H . 21.71 12.49 -17.11
H272 CLR H . 20.92 11.25 -16.53
H273 CLR H . 20.16 12.60 -16.86
H1 CLR H . 35.90 4.74 -16.89
C1 CLR I . 18.83 -22.32 -10.07
C2 CLR I . 20.09 -23.00 -10.58
C3 CLR I . 20.02 -24.50 -10.45
C4 CLR I . 18.76 -25.03 -11.16
C5 CLR I . 17.51 -24.33 -10.72
C6 CLR I . 16.50 -25.03 -10.23
C7 CLR I . 15.20 -24.46 -9.81
C8 CLR I . 15.03 -23.01 -10.30
C9 CLR I . 16.31 -22.23 -9.97
C10 CLR I . 17.53 -22.80 -10.75
C11 CLR I . 16.10 -20.73 -10.12
C12 CLR I . 14.83 -20.21 -9.42
C13 CLR I . 13.58 -20.90 -9.95
C14 CLR I . 13.80 -22.39 -9.69
C15 CLR I . 12.45 -22.99 -10.08
C16 CLR I . 11.46 -22.00 -9.43
C17 CLR I . 12.27 -20.69 -9.13
C18 CLR I . 13.32 -20.60 -11.44
C19 CLR I . 17.53 -22.36 -12.23
C20 CLR I . 11.44 -19.41 -9.32
C21 CLR I . 12.05 -18.22 -8.56
C22 CLR I . 9.99 -19.61 -8.88
C23 CLR I . 9.13 -18.35 -8.76
C24 CLR I . 8.88 -17.97 -7.30
C25 CLR I . 7.76 -16.97 -7.02
C26 CLR I . 8.40 -15.65 -6.56
C27 CLR I . 6.82 -16.71 -8.17
O1 CLR I . 21.19 -25.10 -10.98
H11 CLR I . 18.75 -22.47 -9.12
H12 CLR I . 18.91 -21.36 -10.21
H21 CLR I . 20.24 -22.74 -11.51
H22 CLR I . 20.85 -22.66 -10.08
H3 CLR I . 19.93 -24.71 -9.50
H41 CLR I . 18.66 -25.98 -10.98
H42 CLR I . 18.86 -24.93 -12.12
H6 CLR I . 16.60 -25.95 -10.13
H71 CLR I . 14.47 -25.01 -10.14
H72 CLR I . 15.12 -24.49 -8.85
H8 CLR I . 14.91 -22.99 -11.27
H9 CLR I . 16.51 -22.35 -9.03
H111 CLR I . 16.05 -20.49 -11.06
H112 CLR I . 16.86 -20.24 -9.77
H121 CLR I . 14.74 -19.25 -9.55
H122 CLR I . 14.89 -20.35 -8.46
H14 CLR I . 13.93 -22.49 -8.74
H151 CLR I . 12.34 -23.03 -11.04
H152 CLR I . 12.33 -23.88 -9.75
H161 CLR I . 10.71 -21.81 -10.02
H162 CLR I . 11.09 -22.37 -8.62
H17 CLR I . 12.51 -20.70 -8.19
H181 CLR I . 12.39 -20.58 -11.67
H182 CLR I . 13.68 -19.74 -11.71
H183 CLR I . 13.74 -21.25 -12.03
H191 CLR I . 16.65 -22.07 -12.51
H192 CLR I . 18.14 -21.63 -12.37
H193 CLR I . 17.80 -23.08 -12.81
H20 CLR I . 11.42 -19.21 -10.26
H211 CLR I . 13.01 -18.28 -8.55
H212 CLR I . 11.75 -18.22 -7.64
H213 CLR I . 11.79 -17.39 -8.97
H221 CLR I . 9.99 -20.07 -8.02
H222 CLR I . 9.57 -20.22 -9.50
H231 CLR I . 9.56 -17.62 -9.22
H232 CLR I . 8.29 -18.48 -9.21
H241 CLR I . 9.71 -17.62 -6.93
H242 CLR I . 8.70 -18.78 -6.80
H25 CLR I . 7.21 -17.34 -6.30
H261 CLR I . 7.76 -14.92 -6.57
H262 CLR I . 8.74 -15.72 -5.66
H263 CLR I . 9.14 -15.40 -7.13
H271 CLR I . 6.11 -16.11 -7.90
H272 CLR I . 6.41 -17.54 -8.47
H273 CLR I . 7.29 -16.32 -8.91
H1 CLR I . 21.86 -24.64 -10.70
C1 OLA J . 19.11 -15.29 -24.44
O1 OLA J . 18.64 -16.03 -25.33
O2 OLA J . 20.24 -15.56 -23.96
C2 OLA J . 18.33 -14.10 -23.96
C3 OLA J . 17.32 -13.71 -25.03
C4 OLA J . 15.90 -13.70 -24.48
C5 OLA J . 15.89 -13.35 -22.99
C6 OLA J . 14.50 -12.89 -22.59
C7 OLA J . 14.44 -11.38 -22.73
C8 OLA J . 13.01 -10.86 -22.76
C9 OLA J . 12.05 -11.99 -22.52
C10 OLA J . 10.72 -11.65 -22.00
C11 OLA J . 9.46 -11.94 -22.78
C12 OLA J . 8.56 -10.73 -22.60
C13 OLA J . 7.45 -10.99 -21.59
C14 OLA J . 7.71 -10.22 -20.30
C1 OLA K . 35.76 6.84 -10.50
O1 OLA K . 36.60 5.96 -10.23
O2 OLA K . 36.16 8.04 -10.59
C2 OLA K . 34.31 6.50 -10.72
C3 OLA K . 33.41 7.69 -10.32
C4 OLA K . 32.08 7.20 -9.78
C5 OLA K . 31.46 8.21 -8.81
C6 OLA K . 30.43 9.12 -9.46
C7 OLA K . 30.36 10.45 -8.73
C8 OLA K . 29.18 11.30 -9.19
C9 OLA K . 27.87 10.66 -8.80
C10 OLA K . 26.64 11.01 -9.52
H21 OLA K . 34.14 6.25 -11.76
H22 OLA K . 34.05 5.63 -10.13
H31 OLA K . 33.92 8.28 -9.58
H32 OLA K . 33.24 8.30 -11.20
H41 OLA K . 32.21 6.25 -9.27
H42 OLA K . 31.39 7.04 -10.60
H51 OLA K . 30.97 7.66 -7.99
H52 OLA K . 32.25 8.81 -8.37
H61 OLA K . 30.72 9.28 -10.51
H62 OLA K . 29.46 8.64 -9.46
H71 OLA K . 31.29 11.01 -8.91
H72 OLA K . 30.28 10.27 -7.66
H81 OLA K . 29.22 11.42 -10.27
H82 OLA K . 29.25 12.29 -8.74
H9 OLA K . 27.85 9.93 -7.98
H10 OLA K . 26.35 10.46 -10.40
C1 OLA L . 32.17 4.07 -21.86
O1 OLA L . 32.63 4.21 -20.71
O2 OLA L . 32.96 4.08 -22.84
C2 OLA L . 30.69 3.85 -22.08
C3 OLA L . 29.89 4.24 -20.84
C4 OLA L . 28.46 4.66 -21.21
C5 OLA L . 27.48 4.47 -20.06
C6 OLA L . 26.56 5.68 -19.89
C7 OLA L . 25.14 5.29 -19.50
C8 OLA L . 24.15 6.38 -19.93
C9 OLA L . 22.75 6.02 -19.52
C10 OLA L . 21.64 6.99 -19.74
C11 OLA L . 21.84 8.43 -19.34
C12 OLA L . 20.55 9.24 -19.54
C13 OLA L . 19.98 9.07 -20.94
C14 OLA L . 18.72 8.21 -20.96
C15 OLA L . 17.50 9.01 -21.41
H21 OLA L . 30.51 2.80 -22.31
H22 OLA L . 30.35 4.44 -22.92
H31 OLA L . 30.39 5.06 -20.32
H32 OLA L . 29.84 3.40 -20.14
H41 OLA L . 28.14 4.07 -22.07
H42 OLA L . 28.47 5.71 -21.51
H51 OLA L . 26.87 3.59 -20.26
H52 OLA L . 28.03 4.30 -19.14
H61 OLA L . 26.97 6.32 -19.10
H62 OLA L . 26.54 6.25 -20.82
H71 OLA L . 24.87 4.35 -20.00
H72 OLA L . 25.07 5.14 -18.43
H81 OLA L . 24.20 6.52 -21.01
H82 OLA L . 24.43 7.33 -19.46
H9 OLA L . 22.53 5.05 -19.07
H10 OLA L . 20.70 6.65 -20.18
H111 OLA L . 22.63 8.86 -19.93
H112 OLA L . 22.14 8.48 -18.29
H121 OLA L . 20.77 10.30 -19.37
H122 OLA L . 19.81 8.93 -18.81
H131 OLA L . 19.74 10.05 -21.35
H132 OLA L . 20.73 8.61 -21.59
H141 OLA L . 18.86 7.37 -21.64
H142 OLA L . 18.53 7.81 -19.97
H151 OLA L . 17.43 9.92 -20.82
H152 OLA L . 17.63 9.31 -22.46
C1 OLA M . 23.67 -24.64 2.94
O1 OLA M . 24.21 -25.77 2.96
O2 OLA M . 24.39 -23.62 2.96
C2 OLA M . 22.16 -24.50 2.90
C3 OLA M . 21.72 -23.26 3.68
C4 OLA M . 20.27 -22.87 3.38
C5 OLA M . 19.88 -21.67 4.23
C6 OLA M . 18.39 -21.33 4.22
C7 OLA M . 18.21 -19.82 4.28
C8 OLA M . 17.08 -19.34 5.18
C9 OLA M . 15.76 -20.02 4.91
C10 OLA M . 14.49 -19.31 5.15
C11 OLA M . 14.46 -17.83 5.49
C12 OLA M . 13.11 -17.42 6.09
C13 OLA M . 11.96 -17.62 5.11
C14 OLA M . 10.70 -16.91 5.61
H21 OLA M . 21.82 -24.44 1.87
H22 OLA M . 21.70 -25.39 3.34
H31 OLA M . 22.38 -22.44 3.43
H32 OLA M . 21.83 -23.46 4.75
H41 OLA M . 20.17 -22.63 2.32
H42 OLA M . 19.61 -23.71 3.59
H51 OLA M . 20.44 -20.81 3.87
H52 OLA M . 20.18 -21.87 5.26
H61 OLA M . 17.94 -21.73 3.30
H62 OLA M . 17.90 -21.81 5.06
H71 OLA M . 18.04 -19.46 3.28
H72 OLA M . 19.14 -19.38 4.65
H81 OLA M . 16.95 -18.26 5.03
H82 OLA M . 17.35 -19.49 6.22
H9 OLA M . 15.75 -21.05 4.54
H10 OLA M . 13.54 -19.85 5.08
H111 OLA M . 14.65 -17.25 4.58
H112 OLA M . 15.26 -17.62 6.19
H121 OLA M . 12.94 -17.99 6.99
H122 OLA M . 13.17 -16.36 6.36
H131 OLA M . 11.76 -18.69 5.01
H132 OLA M . 12.23 -17.24 4.13
H141 OLA M . 9.85 -17.22 5.00
H142 OLA M . 10.50 -17.21 6.64
C1 OLA N . 31.38 5.04 -26.77
O1 OLA N . 31.87 4.98 -27.94
O2 OLA N . 31.81 4.23 -25.91
C2 OLA N . 30.33 6.08 -26.44
C3 OLA N . 29.41 5.57 -25.32
C4 OLA N . 27.94 5.75 -25.69
C5 OLA N . 27.06 5.96 -24.46
C6 OLA N . 26.63 7.41 -24.30
C7 OLA N . 25.19 7.64 -24.75
C8 OLA N . 24.40 8.47 -23.73
C9 OLA N . 23.34 9.26 -24.47
C10 OLA N . 23.22 10.72 -24.32
C11 OLA N . 22.93 11.37 -23.00
C12 OLA N . 21.66 12.21 -23.16
C13 OLA N . 21.59 13.38 -22.19
C14 OLA N . 20.44 13.22 -21.20
H21 OLA N . 30.81 7.00 -26.13
H22 OLA N . 29.73 6.29 -27.32
H31 OLA N . 29.62 4.53 -25.12
H32 OLA N . 29.62 6.14 -24.41
H41 OLA N . 27.60 4.87 -26.23
H42 OLA N . 27.83 6.61 -26.35
H51 OLA N . 26.17 5.32 -24.54
H52 OLA N . 27.61 5.64 -23.57
H61 OLA N . 27.29 8.05 -24.89
H62 OLA N . 26.73 7.71 -23.26
H71 OLA N . 25.19 8.16 -25.72
H72 OLA N . 24.69 6.67 -24.89
H81 OLA N . 23.93 7.81 -23.00
H82 OLA N . 25.06 9.15 -23.21
H9 OLA N . 22.63 8.73 -25.11
H10 OLA N . 23.36 11.34 -25.21
H111 OLA N . 23.76 12.02 -22.69
H112 OLA N . 22.80 10.62 -22.22
H121 OLA N . 20.79 11.56 -23.01
H122 OLA N . 21.62 12.58 -24.18
H131 OLA N . 21.44 14.31 -22.76
H132 OLA N . 22.52 13.47 -21.65
H141 OLA N . 20.74 12.48 -20.44
H142 OLA N . 19.56 12.83 -21.70
C1 OLA O . 30.68 -1.60 -25.59
O1 OLA O . 30.92 -2.80 -25.38
O2 OLA O . 31.56 -0.88 -26.13
C2 OLA O . 29.35 -0.99 -25.20
C3 OLA O . 29.45 0.52 -25.11
C4 OLA O . 28.54 1.09 -24.02
C5 OLA O . 27.13 0.52 -24.14
C6 OLA O . 26.06 1.54 -23.75
C7 OLA O . 24.71 1.13 -24.33
C8 OLA O . 23.78 2.33 -24.53
C9 OLA O . 23.02 2.59 -23.26
C10 OLA O . 21.55 2.61 -23.29
C11 OLA O . 20.83 3.12 -24.52
C12 OLA O . 19.46 3.66 -24.11
C13 OLA O . 19.49 5.17 -23.90
C14 OLA O . 18.18 5.82 -24.34
C15 OLA O . 17.00 5.12 -23.68
C16 OLA O . 15.90 6.11 -23.30
C17 OLA O . 14.76 5.38 -22.59
C18 OLA O . 13.61 6.33 -22.29
H21 OLA O . 28.60 -1.26 -25.94
H22 OLA O . 29.03 -1.39 -24.24
H31 OLA O . 29.18 0.97 -26.07
H32 OLA O . 30.49 0.81 -24.90
H41 OLA O . 28.51 2.17 -24.10
H42 OLA O . 28.95 0.83 -23.04
H51 OLA O . 26.95 0.21 -25.18
H52 OLA O . 27.03 -0.36 -23.51
H61 OLA O . 26.34 2.53 -24.12
H62 OLA O . 26.00 1.60 -22.66
H71 OLA O . 24.24 0.42 -23.64
H72 OLA O . 24.87 0.63 -25.28
H81 OLA O . 24.37 3.21 -24.80
H82 OLA O . 23.10 2.12 -25.34
H9 OLA O . 23.55 2.76 -22.32
H10 OLA O . 20.98 2.27 -22.43
H111 OLA O . 20.72 2.32 -25.24
H112 OLA O . 21.42 3.92 -24.99
H121 OLA O . 18.74 3.41 -24.88
H122 OLA O . 19.15 3.17 -23.20
H131 OLA O . 19.67 5.38 -22.84
H132 OLA O . 20.31 5.59 -24.47
H141 OLA O . 18.09 5.75 -25.42
H142 OLA O . 18.19 6.87 -24.07
H151 OLA O . 17.34 4.60 -22.78
H152 OLA O . 16.59 4.38 -24.37
H161 OLA O . 16.31 6.88 -22.64
H162 OLA O . 15.51 6.60 -24.19
H171 OLA O . 14.41 4.56 -23.21
H172 OLA O . 15.14 4.96 -21.65
H181 OLA O . 13.89 7.34 -22.55
H182 OLA O . 13.37 6.28 -21.22
H183 OLA O . 12.74 6.02 -22.88
C1 OLA P . 19.80 -26.04 -15.95
O1 OLA P . 19.44 -26.13 -17.14
O2 OLA P . 20.95 -26.39 -15.64
C2 OLA P . 18.85 -25.52 -14.89
C3 OLA P . 17.45 -25.37 -15.45
C4 OLA P . 17.41 -24.29 -16.52
C5 OLA P . 16.07 -23.58 -16.55
C6 OLA P . 14.95 -24.47 -16.03
C7 OLA P . 14.15 -23.74 -14.96
C8 OLA P . 12.65 -23.76 -15.27
C9 OLA P . 11.89 -23.37 -14.04
C10 OLA P . 10.58 -22.74 -14.19
C11 OLA P . 10.28 -22.08 -15.52
C12 OLA P . 11.03 -20.75 -15.57
C13 OLA P . 10.72 -19.98 -16.85
C14 OLA P . 10.20 -20.92 -17.94
C4 OLA Q . 8.78 16.21 -0.24
C5 OLA Q . 9.64 16.50 -1.47
C6 OLA Q . 11.02 15.89 -1.33
C7 OLA Q . 11.34 14.91 -2.45
C8 OLA Q . 12.54 14.05 -2.10
C9 OLA Q . 13.69 14.96 -1.79
C10 OLA Q . 14.98 14.81 -2.50
C11 OLA Q . 16.11 14.03 -1.87
C12 OLA Q . 16.87 13.36 -3.00
C13 OLA Q . 17.89 12.33 -2.50
C14 OLA Q . 18.87 12.93 -1.50
C15 OLA Q . 20.30 12.50 -1.82
C16 OLA Q . 21.11 12.20 -0.55
C17 OLA Q . 22.59 12.49 -0.73
C18 OLA Q . 23.16 11.86 -2.00
H41 OLA Q . 9.37 16.38 0.66
H42 OLA Q . 8.49 15.16 -0.26
H51 OLA Q . 9.72 17.58 -1.60
H52 OLA Q . 9.15 16.09 -2.35
H61 OLA Q . 11.77 16.69 -1.34
H62 OLA Q . 11.09 15.38 -0.37
H71 OLA Q . 11.52 15.46 -3.38
H72 OLA Q . 10.46 14.27 -2.62
H81 OLA Q . 12.32 13.42 -1.24
H82 OLA Q . 12.79 13.39 -2.94
H9 OLA Q . 13.58 15.75 -1.05
H10 OLA Q . 15.11 15.27 -3.47
H111 OLA Q . 16.76 14.69 -1.31
H112 OLA Q . 15.71 13.27 -1.19
H121 OLA Q . 16.17 12.87 -3.67
H122 OLA Q . 17.40 14.13 -3.58
H131 OLA Q . 17.36 11.51 -2.03
H132 OLA Q . 18.44 11.94 -3.35
H141 OLA Q . 18.61 12.60 -0.49
H142 OLA Q . 18.81 14.02 -1.52
H151 OLA Q . 20.80 13.28 -2.38
H152 OLA Q . 20.27 11.61 -2.44
H161 OLA Q . 20.71 12.80 0.27
H162 OLA Q . 20.98 11.15 -0.28
H171 OLA Q . 22.74 13.57 -0.77
H172 OLA Q . 23.14 12.09 0.13
H181 OLA Q . 22.46 11.12 -2.38
H182 OLA Q . 23.31 12.64 -2.75
H183 OLA Q . 24.11 11.38 -1.78
C1 OLA R . 18.21 -2.89 -31.14
O1 OLA R . 17.62 -3.91 -30.74
O2 OLA R . 19.42 -2.98 -31.47
C2 OLA R . 17.49 -1.56 -31.21
C3 OLA R . 16.00 -1.75 -30.95
C4 OLA R . 15.29 -0.40 -30.86
C5 OLA R . 13.78 -0.61 -30.83
C6 OLA R . 13.26 -0.80 -29.41
C7 OLA R . 11.74 -0.76 -29.36
C8 OLA R . 11.23 -0.23 -28.03
C9 OLA R . 11.32 1.28 -28.02
H21 OLA R . 17.91 -0.88 -30.48
H22 OLA R . 17.64 -1.12 -32.20
H31 OLA R . 15.87 -2.30 -30.01
H32 OLA R . 15.56 -2.35 -31.75
H41 OLA R . 15.56 0.20 -31.72
H42 OLA R . 15.61 0.12 -29.96
H51 OLA R . 13.51 -1.47 -31.43
H52 OLA R . 13.29 0.27 -31.27
H61 OLA R . 13.67 -0.01 -28.76
H62 OLA R . 13.62 -1.75 -29.02
H71 OLA R . 11.35 -1.77 -29.52
H72 OLA R . 11.37 -0.13 -30.18
H81 OLA R . 10.19 -0.55 -27.89
H82 OLA R . 11.82 -0.65 -27.22
H9 OLA R . 11.06 1.84 -28.91
C1 OLA S . -1.39 7.47 -22.42
O1 OLA S . -1.57 7.25 -23.65
O2 OLA S . -1.81 8.55 -21.94
C2 OLA S . -0.69 6.46 -21.56
C3 OLA S . -1.55 5.21 -21.44
C4 OLA S . -1.05 4.32 -20.30
C5 OLA S . 0.39 3.88 -20.56
C6 OLA S . 0.61 2.47 -20.03
C7 OLA S . 0.27 2.42 -18.54
H21 OLA S . -0.52 6.89 -20.57
H22 OLA S . 0.28 6.21 -21.99
H31 OLA S . -2.59 5.49 -21.25
H32 OLA S . -1.52 4.66 -22.37
H41 OLA S . -1.09 4.88 -19.36
H42 OLA S . -1.69 3.45 -20.21
H51 OLA S . 1.08 4.57 -20.09
H52 OLA S . 0.59 3.89 -21.64
H61 OLA S . 1.64 2.18 -20.18
H62 OLA S . -0.02 1.77 -20.57
H71 OLA S . 1.03 1.84 -18.01
H72 OLA S . 0.26 3.42 -18.13
C1 OLA T . 14.88 -21.42 -24.00
O1 OLA T . 14.58 -22.59 -24.34
O2 OLA T . 16.08 -21.04 -24.15
C2 OLA T . 13.83 -20.51 -23.41
C3 OLA T . 13.82 -19.17 -24.15
C4 OLA T . 13.08 -18.08 -23.37
C5 OLA T . 11.63 -18.46 -23.11
C6 OLA T . 10.78 -17.21 -22.88
H21 OLA T . 12.86 -20.97 -23.48
H22 OLA T . 14.05 -20.33 -22.35
H31 OLA T . 13.33 -19.30 -25.12
H32 OLA T . 14.84 -18.85 -24.34
H41 OLA T . 13.60 -17.92 -22.42
H42 OLA T . 13.12 -17.14 -23.93
H51 OLA T . 11.24 -19.01 -23.96
H52 OLA T . 11.57 -19.10 -22.24
H61 OLA T . 10.90 -16.53 -23.73
H62 OLA T . 9.73 -17.50 -22.81
C1 OLA U . 1.35 17.50 -5.81
O1 OLA U . 0.48 16.66 -6.11
O2 OLA U . 1.19 18.19 -4.77
C2 OLA U . 2.55 17.69 -6.69
C3 OLA U . 3.27 16.35 -6.86
C4 OLA U . 3.19 15.82 -8.30
C5 OLA U . 4.03 16.62 -9.30
C6 OLA U . 5.53 16.55 -9.01
C7 OLA U . 6.11 15.17 -9.28
C8 OLA U . 7.63 15.21 -9.45
C9 OLA U . 8.19 13.82 -9.27
C10 OLA U . 9.56 13.49 -9.72
C11 OLA U . 9.80 13.11 -11.15
C12 OLA U . 11.20 12.52 -11.30
C13 OLA U . 12.21 13.53 -11.82
C14 OLA U . 13.39 13.71 -10.87
C15 OLA U . 14.66 14.08 -11.64
H21 OLA U . 2.24 18.06 -7.67
H22 OLA U . 3.23 18.41 -6.24
H31 OLA U . 4.33 16.48 -6.59
H32 OLA U . 2.84 15.62 -6.18
H41 OLA U . 3.52 14.79 -8.31
H42 OLA U . 2.16 15.85 -8.61
H51 OLA U . 3.84 16.23 -10.30
H52 OLA U . 3.72 17.67 -9.27
H61 OLA U . 6.05 17.27 -9.65
H62 OLA U . 5.71 16.81 -7.97
H71 OLA U . 5.66 14.75 -10.19
H72 OLA U . 5.86 14.50 -8.45
H81 OLA U . 7.88 15.58 -10.45
H82 OLA U . 8.06 15.89 -8.71
H9 OLA U . 7.58 13.05 -8.79
H10 OLA U . 10.39 13.51 -9.01
H111 OLA U . 9.05 12.38 -11.47
H112 OLA U . 9.71 13.99 -11.79
H121 OLA U . 11.54 12.15 -10.33
H122 OLA U . 11.16 11.66 -11.98
H131 OLA U . 12.57 13.21 -12.80
H132 OLA U . 11.71 14.49 -11.96
H141 OLA U . 13.56 12.78 -10.33
H142 OLA U . 13.16 14.49 -10.15
H151 OLA U . 14.39 14.62 -12.55
H152 OLA U . 15.18 13.17 -11.96
C7 OLA V . -2.97 -5.25 -18.79
C8 OLA V . -1.67 -5.59 -18.07
C9 OLA V . -0.80 -4.36 -17.95
C10 OLA V . 0.64 -4.44 -18.21
C11 OLA V . 1.49 -5.41 -17.43
C12 OLA V . 2.48 -6.12 -18.36
C13 OLA V . 3.44 -5.16 -19.08
C14 OLA V . 3.65 -5.63 -20.52
C15 OLA V . 5.06 -5.32 -21.01
C16 OLA V . 5.65 -6.51 -21.74
H71 OLA V . -3.28 -4.24 -18.51
H72 OLA V . -2.79 -5.25 -19.87
H81 OLA V . -1.12 -6.36 -18.63
H82 OLA V . -1.89 -5.99 -17.08
H9 OLA V . -1.25 -3.41 -17.66
H10 OLA V . 1.09 -3.81 -18.98
H111 OLA V . 0.86 -6.14 -16.94
H112 OLA V . 2.05 -4.87 -16.66
H121 OLA V . 1.92 -6.68 -19.11
H122 OLA V . 3.07 -6.82 -17.78
C1 OLA W . -4.44 -10.14 -7.66
C2 OLA W . -3.00 -9.99 -8.10
C3 OLA W . -2.06 -10.68 -7.13
C4 OLA W . -2.54 -10.59 -5.68
C5 OLA W . -1.41 -10.73 -4.65
C6 OLA W . -0.43 -11.86 -4.92
C7 OLA W . 0.93 -11.63 -4.25
C8 OLA W . 1.19 -12.56 -3.08
C9 OLA W . 2.68 -12.65 -2.83
C10 OLA W . 3.26 -13.86 -2.21
H21 OLA W . -2.87 -10.42 -9.09
H22 OLA W . -2.75 -8.93 -8.17
H31 OLA W . -1.06 -10.22 -7.20
H32 OLA W . -1.96 -11.73 -7.41
H41 OLA W . -3.27 -11.37 -5.51
H42 OLA W . -3.03 -9.63 -5.54
H51 OLA W . -1.87 -10.90 -3.67
H52 OLA W . -0.86 -9.80 -4.59
H61 OLA W . -0.29 -11.96 -6.00
H62 OLA W . -0.85 -12.80 -4.56
H71 OLA W . 1.72 -11.76 -5.00
H72 OLA W . 0.97 -10.59 -3.90
H81 OLA W . 0.78 -13.56 -3.30
H82 OLA W . 0.67 -12.20 -2.19
H9 OLA W . 3.32 -11.81 -3.09
H10 OLA W . 3.38 -14.77 -2.80
C1 OLA X . 1.91 8.40 8.09
O1 OLA X . 1.04 8.72 7.25
O2 OLA X . 1.66 8.56 9.30
C2 OLA X . 3.24 7.83 7.65
C3 OLA X . 3.58 6.57 8.44
C4 OLA X . 5.07 6.51 8.79
C5 OLA X . 5.87 5.84 7.67
C6 OLA X . 6.77 4.73 8.18
C7 OLA X . 7.97 4.52 7.25
H21 OLA X . 3.19 7.59 6.58
H22 OLA X . 4.02 8.58 7.78
H31 OLA X . 3.31 5.70 7.85
H32 OLA X . 3.00 6.56 9.36
H41 OLA X . 5.46 7.52 8.96
H42 OLA X . 5.20 5.93 9.72
H51 OLA X . 5.18 5.43 6.93
H52 OLA X . 6.48 6.60 7.17
H61 OLA X . 7.14 4.97 9.18
H62 OLA X . 6.20 3.79 8.25
H71 OLA X . 8.88 4.41 7.84
H72 OLA X . 7.83 3.62 6.67
C1 OLA Y . -4.07 -9.19 -1.56
O1 OLA Y . -3.98 -9.41 -2.80
O2 OLA Y . -5.20 -8.98 -1.07
C2 OLA Y . -2.84 -9.20 -0.69
C3 OLA Y . -3.19 -8.71 0.72
C4 OLA Y . -1.99 -8.84 1.63
C5 OLA Y . -0.70 -8.60 0.85
C6 OLA Y . -0.21 -7.16 1.02
C7 OLA Y . 1.31 -7.11 0.94
C8 OLA Y . 1.91 -8.49 1.11
C9 OLA Y . 3.39 -8.41 0.84
C10 OLA Y . 4.14 -9.60 0.42
C11 OLA Y . 3.66 -10.98 0.76
C12 OLA Y . 4.83 -11.95 0.62
C13 OLA Y . 5.62 -11.99 1.92
C14 OLA Y . 7.10 -11.70 1.65
NA NA Z . 8.10 0.73 -8.03
#